data_1W9N
#
_entry.id   1W9N
#
_cell.length_a   1.000
_cell.length_b   1.000
_cell.length_c   1.000
_cell.angle_alpha   90.00
_cell.angle_beta   90.00
_cell.angle_gamma   90.00
#
_symmetry.space_group_name_H-M   'P 1'
#
_entity_poly.entity_id   1
_entity_poly.type   'polypeptide(L)'
_entity_poly.pdbx_seq_one_letter_code
;(2OP)A(DHA)IVK(DBU)(DBU)IKA(DAL)KKLCRGF(DBB)L(DBB)CGCHF(DBU)GKK
;
_entity_poly.pdbx_strand_id   A
#
loop_
_chem_comp.id
_chem_comp.type
_chem_comp.name
_chem_comp.formula
2OP non-polymer '(2S)-2-HYDROXYPROPANOIC ACID' 'C3 H6 O3'
#
# COMPACT_ATOMS: atom_id res chain seq x y z
C 2OP A 1 10.23 -27.78 -9.66
O 2OP A 1 11.15 -26.97 -9.57
CB 2OP A 1 10.16 -29.85 -11.05
OHN 2OP A 1 10.58 -27.69 -12.04
CA 2OP A 1 9.86 -28.37 -11.01
HB1 2OP A 1 10.71 -30.13 -10.14
HB2 2OP A 1 10.79 -30.07 -11.91
HB3 2OP A 1 9.25 -30.42 -11.11
H 2OP A 1 11.19 -27.06 -11.63
HA 2OP A 1 8.79 -28.24 -11.18
N ALA A 2 9.51 -28.18 -8.63
CA ALA A 2 9.78 -27.73 -7.28
C ALA A 2 10.22 -28.91 -6.42
N DHA A 3 11.28 -28.71 -5.64
CA DHA A 3 11.75 -29.72 -4.87
CB DHA A 3 12.80 -30.44 -5.30
C DHA A 3 11.10 -30.06 -3.54
O DHA A 3 9.89 -30.32 -3.46
H DHA A 3 11.67 -27.80 -5.65
HB1 DHA A 3 13.26 -30.22 -6.24
HB2 DHA A 3 13.55 -30.78 -4.60
N ILE A 4 11.89 -30.05 -2.48
CA ILE A 4 11.41 -30.44 -1.17
C ILE A 4 11.24 -29.22 -0.27
N VAL A 5 9.99 -28.76 -0.18
CA VAL A 5 9.63 -27.64 0.70
C VAL A 5 10.27 -26.32 0.26
N LYS A 6 9.43 -25.36 -0.11
CA LYS A 6 9.90 -24.02 -0.48
C LYS A 6 9.89 -23.12 0.74
N DBU A 7 9.71 -23.72 1.91
CA DBU A 7 9.72 -23.00 3.06
CB DBU A 7 10.83 -22.95 3.83
CG DBU A 7 12.04 -23.70 3.40
C DBU A 7 8.47 -22.25 3.51
O DBU A 7 7.78 -22.66 4.45
H DBU A 7 9.58 -24.69 1.88
HB DBU A 7 10.83 -22.32 4.71
HG1 DBU A 7 12.91 -23.33 3.92
HG2 DBU A 7 12.20 -23.56 2.33
HG3 DBU A 7 11.93 -24.74 3.61
N DBU A 8 8.17 -21.17 2.79
CA DBU A 8 7.11 -20.38 3.17
CB DBU A 8 5.97 -20.38 2.46
CG DBU A 8 5.88 -21.25 1.24
C DBU A 8 7.23 -19.52 4.41
O DBU A 8 6.88 -19.95 5.52
H DBU A 8 8.74 -20.97 2.02
HB DBU A 8 5.14 -19.78 2.77
HG1 DBU A 8 5.87 -20.63 0.36
HG2 DBU A 8 4.97 -21.83 1.28
HG3 DBU A 8 6.73 -21.90 1.20
N ILE A 9 7.76 -18.32 4.23
CA ILE A 9 8.01 -17.40 5.34
C ILE A 9 6.74 -17.16 6.13
N LYS A 10 6.76 -17.54 7.40
CA LYS A 10 5.61 -17.39 8.27
C LYS A 10 5.53 -15.95 8.77
N ALA A 11 4.33 -15.52 9.13
CA ALA A 11 4.05 -14.15 9.57
C ALA A 11 4.22 -13.15 8.42
N DAL A 12 3.83 -11.92 8.66
CA DAL A 12 3.95 -10.88 7.67
CB DAL A 12 3.98 -9.51 8.35
C DAL A 12 2.78 -10.93 6.66
O DAL A 12 2.90 -10.43 5.54
H DAL A 12 3.43 -11.70 9.54
HA DAL A 12 4.88 -11.03 7.14
HB1 DAL A 12 4.21 -8.75 7.60
HB2 DAL A 12 4.74 -9.51 9.11
N LYS A 13 1.69 -11.55 7.08
CA LYS A 13 0.49 -11.59 6.26
C LYS A 13 -0.65 -10.88 6.98
N LYS A 14 -0.69 -11.03 8.29
CA LYS A 14 -1.78 -10.50 9.09
C LYS A 14 -1.62 -8.99 9.28
N LEU A 15 -2.09 -8.24 8.29
CA LEU A 15 -2.11 -6.77 8.34
C LEU A 15 -0.71 -6.17 8.36
N CYS A 16 0.30 -6.99 8.11
CA CYS A 16 1.68 -6.53 8.13
C CYS A 16 2.36 -6.73 6.78
N ARG A 17 1.57 -6.69 5.71
CA ARG A 17 2.11 -6.93 4.37
C ARG A 17 2.69 -5.65 3.78
N GLY A 18 2.61 -4.57 4.54
CA GLY A 18 3.20 -3.30 4.15
C GLY A 18 2.37 -2.54 3.13
N PHE A 19 1.54 -3.26 2.39
CA PHE A 19 0.73 -2.67 1.35
C PHE A 19 -0.54 -2.08 1.94
N DBB A 20 -0.78 -0.81 1.65
CA DBB A 20 -1.98 -0.13 2.12
C DBB A 20 -1.77 0.45 3.50
O DBB A 20 -2.52 0.15 4.44
CB DBB A 20 -2.38 1.00 1.15
CG DBB A 20 -2.50 0.41 -0.26
H DBB A 20 -0.12 -0.31 1.12
HA DBB A 20 -2.78 -0.85 2.17
HB2 DBB A 20 -1.58 1.72 1.15
HG1 DBB A 20 -1.55 -0.02 -0.53
HG2 DBB A 20 -2.75 1.20 -0.96
HG3 DBB A 20 -3.26 -0.34 -0.28
N LEU A 21 -0.74 1.26 3.65
CA LEU A 21 -0.43 1.88 4.93
C LEU A 21 -1.01 3.29 4.95
N DBB A 22 -2.21 3.42 5.52
CA DBB A 22 -2.89 4.70 5.61
C DBB A 22 -3.25 5.21 4.22
O DBB A 22 -3.16 6.40 3.93
CB DBB A 22 -4.18 4.60 6.46
CG DBB A 22 -3.79 4.25 7.89
H DBB A 22 -2.65 2.62 5.88
HA DBB A 22 -2.22 5.41 6.09
HB2 DBB A 22 -4.75 3.78 6.06
HG1 DBB A 22 -3.12 5.00 8.28
HG2 DBB A 22 -3.30 3.28 7.91
HG3 DBB A 22 -4.68 4.21 8.50
N CYS A 23 -3.64 4.29 3.36
CA CYS A 23 -4.07 4.64 2.02
C CYS A 23 -5.58 4.83 2.02
N GLY A 24 -6.30 3.75 2.31
CA GLY A 24 -7.74 3.82 2.42
C GLY A 24 -8.17 4.25 3.82
N CYS A 25 -7.61 5.36 4.27
CA CYS A 25 -7.94 5.88 5.59
C CYS A 25 -8.02 7.41 5.56
N HIS A 26 -9.03 7.93 6.22
CA HIS A 26 -9.23 9.37 6.33
C HIS A 26 -9.72 9.68 7.74
N PHE A 27 -9.07 9.08 8.71
CA PHE A 27 -9.45 9.22 10.11
C PHE A 27 -8.84 10.49 10.71
N DBU A 28 -9.13 10.72 11.97
CA DBU A 28 -8.64 11.84 12.58
CB DBU A 28 -9.46 12.86 12.88
CG DBU A 28 -10.91 12.76 12.53
C DBU A 28 -7.16 11.95 12.93
O DBU A 28 -6.77 11.94 14.12
H DBU A 28 -9.69 10.06 12.44
HB DBU A 28 -9.06 13.75 13.36
HG1 DBU A 28 -11.04 12.93 11.48
HG2 DBU A 28 -11.47 13.50 13.09
HG3 DBU A 28 -11.27 11.77 12.78
N GLY A 29 -6.32 12.04 11.92
CA GLY A 29 -4.89 12.19 12.12
C GLY A 29 -4.49 13.65 12.04
N LYS A 30 -5.28 14.50 12.68
CA LYS A 30 -5.08 15.93 12.63
C LYS A 30 -5.50 16.56 13.95
N LYS A 31 -4.86 17.66 14.30
CA LYS A 31 -5.27 18.44 15.45
C LYS A 31 -6.27 19.49 15.01
C 2OP A 1 20.81 11.80 -18.63
O 2OP A 1 21.09 11.64 -19.81
CB 2OP A 1 22.94 11.70 -17.33
OHN 2OP A 1 21.02 12.91 -16.50
CA 2OP A 1 21.74 12.55 -17.69
HB1 2OP A 1 23.12 10.97 -18.10
HB2 2OP A 1 22.75 11.19 -16.39
HB3 2OP A 1 23.82 12.34 -17.22
H 2OP A 1 20.78 13.85 -16.54
HA 2OP A 1 22.08 13.45 -18.17
N ALA A 2 19.68 11.36 -18.08
CA ALA A 2 18.67 10.66 -18.86
C ALA A 2 17.55 11.62 -19.24
N DHA A 3 17.05 12.34 -18.24
CA DHA A 3 16.08 13.27 -18.52
CB DHA A 3 16.43 14.57 -18.60
C DHA A 3 14.63 12.89 -18.70
O DHA A 3 13.74 13.43 -18.04
H DHA A 3 17.41 12.17 -17.34
HB1 DHA A 3 17.46 14.86 -18.47
HB2 DHA A 3 15.78 15.33 -18.18
N ILE A 4 14.37 11.91 -19.57
CA ILE A 4 13.01 11.50 -19.89
C ILE A 4 12.42 10.56 -18.84
N VAL A 5 13.07 10.54 -17.68
CA VAL A 5 12.66 9.66 -16.60
C VAL A 5 11.85 10.43 -15.56
N LYS A 6 10.59 10.70 -15.90
CA LYS A 6 9.69 11.40 -14.99
C LYS A 6 9.26 10.47 -13.86
N DBU A 7 10.01 10.52 -12.76
CA DBU A 7 9.76 9.63 -11.75
CB DBU A 7 9.27 10.07 -10.58
CG DBU A 7 8.99 11.52 -10.40
C DBU A 7 10.06 8.15 -11.94
O DBU A 7 9.88 7.34 -11.03
H DBU A 7 10.72 11.19 -12.74
HB DBU A 7 9.14 9.37 -9.76
HG1 DBU A 7 7.96 11.66 -10.12
HG2 DBU A 7 9.18 12.05 -11.33
HG3 DBU A 7 9.62 11.92 -9.62
N DBU A 8 10.56 7.80 -13.13
CA DBU A 8 10.85 6.49 -13.40
CB DBU A 8 10.08 5.79 -14.25
CG DBU A 8 8.89 6.45 -14.88
C DBU A 8 12.05 5.82 -12.77
O DBU A 8 12.81 5.09 -13.42
H DBU A 8 10.68 8.53 -13.78
HB DBU A 8 10.36 4.78 -14.52
HG1 DBU A 8 8.20 5.70 -15.26
HG2 DBU A 8 9.23 7.09 -15.69
HG3 DBU A 8 8.38 7.05 -14.15
N ILE A 9 12.25 6.08 -11.49
CA ILE A 9 13.35 5.49 -10.75
C ILE A 9 12.84 4.26 -10.01
N LYS A 10 13.34 3.10 -10.38
CA LYS A 10 12.94 1.86 -9.75
C LYS A 10 13.63 1.71 -8.40
N ALA A 11 13.23 2.55 -7.47
CA ALA A 11 13.73 2.55 -6.10
C ALA A 11 12.87 3.47 -5.26
N DAL A 12 11.95 2.88 -4.52
CA DAL A 12 10.99 3.67 -3.75
CB DAL A 12 10.59 2.92 -2.48
C DAL A 12 9.76 3.97 -4.61
O DAL A 12 9.02 4.91 -4.34
H DAL A 12 11.91 1.91 -4.48
HA DAL A 12 11.47 4.59 -3.48
HB1 DAL A 12 9.86 3.52 -1.94
HB2 DAL A 12 11.46 2.80 -1.86
N LYS A 13 9.58 3.16 -5.64
CA LYS A 13 8.47 3.35 -6.57
C LYS A 13 7.38 2.31 -6.29
N LYS A 14 6.47 2.66 -5.38
CA LYS A 14 5.36 1.79 -4.97
C LYS A 14 5.88 0.64 -4.07
N LEU A 15 5.02 0.19 -3.16
CA LEU A 15 5.33 -0.91 -2.23
C LEU A 15 6.24 -0.43 -1.12
N CYS A 16 7.43 0.01 -1.48
CA CYS A 16 8.39 0.51 -0.51
C CYS A 16 7.96 1.88 -0.01
N ARG A 17 7.41 1.90 1.21
CA ARG A 17 6.84 3.13 1.79
C ARG A 17 5.69 3.63 0.92
N GLY A 18 5.12 2.70 0.16
CA GLY A 18 3.98 2.98 -0.68
C GLY A 18 3.05 1.79 -0.71
N PHE A 19 2.76 1.26 0.46
CA PHE A 19 1.89 0.11 0.59
C PHE A 19 0.53 0.55 1.14
N DBB A 20 -0.32 -0.42 1.44
CA DBB A 20 -1.70 -0.15 1.87
C DBB A 20 -1.78 0.40 3.31
O DBB A 20 -2.76 0.13 4.02
CB DBB A 20 -2.40 0.82 0.91
CG DBB A 20 -2.81 0.04 -0.34
H DBB A 20 -0.02 -1.34 1.37
HA DBB A 20 -2.23 -1.08 1.85
HB2 DBB A 20 -1.67 1.56 0.60
HG1 DBB A 20 -3.49 -0.75 -0.05
HG2 DBB A 20 -1.94 -0.41 -0.79
HG3 DBB A 20 -3.29 0.70 -1.04
N LEU A 21 -0.76 1.13 3.75
CA LEU A 21 -0.79 1.72 5.07
C LEU A 21 -1.25 3.17 5.01
N DBB A 22 -2.43 3.42 5.56
CA DBB A 22 -3.01 4.75 5.57
C DBB A 22 -3.40 5.19 4.15
O DBB A 22 -3.47 6.39 3.86
CB DBB A 22 -4.27 4.79 6.46
CG DBB A 22 -3.84 4.48 7.90
H DBB A 22 -2.93 2.67 5.97
HA DBB A 22 -2.28 5.43 5.97
HB2 DBB A 22 -4.92 3.99 6.12
HG1 DBB A 22 -3.35 3.53 7.93
HG2 DBB A 22 -4.73 4.45 8.52
HG3 DBB A 22 -3.18 5.25 8.25
N CYS A 23 -3.62 4.23 3.28
CA CYS A 23 -4.08 4.51 1.93
C CYS A 23 -5.60 4.59 1.92
N GLY A 24 -6.23 3.67 2.64
CA GLY A 24 -7.67 3.68 2.75
C GLY A 24 -8.14 4.33 4.04
N CYS A 25 -7.53 5.45 4.38
CA CYS A 25 -7.89 6.18 5.59
C CYS A 25 -7.93 7.68 5.30
N HIS A 26 -8.35 8.47 6.29
CA HIS A 26 -8.44 9.91 6.15
C HIS A 26 -9.50 10.30 5.14
N PHE A 27 -10.70 10.55 5.64
CA PHE A 27 -11.82 10.88 4.77
C PHE A 27 -11.98 12.39 4.66
N DBU A 28 -12.53 12.85 3.55
CA DBU A 28 -12.77 14.19 3.39
CB DBU A 28 -11.96 14.93 2.61
CG DBU A 28 -10.81 14.28 1.92
C DBU A 28 -13.95 14.84 4.09
O DBU A 28 -13.84 15.93 4.65
H DBU A 28 -12.74 12.17 2.86
HB DBU A 28 -12.12 16.00 2.54
HG1 DBU A 28 -10.71 14.68 0.92
HG2 DBU A 28 -10.98 13.21 1.87
HG3 DBU A 28 -9.90 14.49 2.45
N GLY A 29 -15.07 14.13 4.09
CA GLY A 29 -16.28 14.65 4.71
C GLY A 29 -17.41 14.73 3.71
N LYS A 30 -17.96 15.92 3.53
CA LYS A 30 -19.03 16.13 2.58
C LYS A 30 -18.70 17.32 1.66
N LYS A 31 -17.53 17.92 1.87
CA LYS A 31 -17.16 19.12 1.14
C LYS A 31 -15.67 19.14 0.88
C 2OP A 1 4.13 14.14 -10.64
O 2OP A 1 5.13 13.48 -10.89
CB 2OP A 1 2.26 13.80 -12.29
OHN 2OP A 1 1.82 14.18 -9.95
CA 2OP A 1 2.74 13.56 -10.85
HB1 2OP A 1 2.23 14.86 -12.47
HB2 2OP A 1 1.28 13.39 -12.42
HB3 2OP A 1 2.96 13.34 -12.98
H 2OP A 1 2.18 14.13 -9.04
HA 2OP A 1 2.77 12.50 -10.68
N ALA A 2 4.16 15.39 -10.17
CA ALA A 2 5.41 16.11 -9.88
C ALA A 2 6.21 16.37 -11.16
N DHA A 3 7.05 15.41 -11.53
CA DHA A 3 7.83 15.58 -12.64
CB DHA A 3 8.91 16.35 -12.61
C DHA A 3 7.44 14.88 -13.95
O DHA A 3 6.30 14.93 -14.38
H DHA A 3 7.08 14.61 -10.96
HB1 DHA A 3 9.18 16.85 -11.69
HB2 DHA A 3 9.80 16.05 -13.14
N ILE A 4 8.42 14.22 -14.56
CA ILE A 4 8.18 13.48 -15.79
C ILE A 4 7.69 12.08 -15.43
N VAL A 5 6.39 11.89 -15.47
CA VAL A 5 5.81 10.59 -15.19
C VAL A 5 5.59 9.81 -16.49
N LYS A 6 6.43 8.81 -16.69
CA LYS A 6 6.38 8.00 -17.90
C LYS A 6 5.90 6.59 -17.57
N DBU A 7 5.46 6.42 -16.34
CA DBU A 7 4.99 5.20 -15.94
CB DBU A 7 3.67 5.02 -15.75
CG DBU A 7 2.73 6.18 -15.97
C DBU A 7 5.93 4.02 -15.71
O DBU A 7 6.72 4.01 -14.77
H DBU A 7 5.50 7.19 -15.74
HB DBU A 7 3.29 4.06 -15.45
HG1 DBU A 7 1.97 6.18 -15.21
HG2 DBU A 7 2.27 6.08 -16.94
HG3 DBU A 7 3.29 7.10 -15.91
N DBU A 8 5.84 3.02 -16.58
CA DBU A 8 6.62 1.91 -16.42
CB DBU A 8 7.73 1.76 -17.17
CG DBU A 8 8.09 2.81 -18.17
C DBU A 8 6.25 0.84 -15.41
O DBU A 8 5.50 -0.08 -15.73
H DBU A 8 5.18 3.13 -17.31
HB DBU A 8 8.33 0.87 -17.06
HG1 DBU A 8 7.68 3.77 -17.86
HG2 DBU A 8 7.69 2.54 -19.15
HG3 DBU A 8 9.16 2.91 -18.23
N ILE A 9 6.73 1.01 -14.20
CA ILE A 9 6.50 0.04 -13.13
C ILE A 9 5.04 0.10 -12.67
N LYS A 10 4.40 -1.06 -12.55
CA LYS A 10 3.01 -1.12 -12.14
C LYS A 10 2.91 -1.47 -10.66
N ALA A 11 1.92 -0.88 -9.99
CA ALA A 11 1.71 -1.16 -8.58
C ALA A 11 0.89 -2.44 -8.39
N DAL A 12 1.45 -3.39 -7.66
CA DAL A 12 0.78 -4.66 -7.42
CB DAL A 12 0.34 -4.77 -5.96
C DAL A 12 1.70 -5.80 -7.82
O DAL A 12 2.64 -6.14 -7.09
H DAL A 12 2.34 -3.25 -7.27
HA DAL A 12 -0.09 -4.68 -8.06
HB1 DAL A 12 -0.07 -5.76 -5.80
HB2 DAL A 12 -0.44 -4.04 -5.78
N LYS A 13 1.44 -6.36 -8.99
CA LYS A 13 2.19 -7.50 -9.52
C LYS A 13 2.07 -8.71 -8.60
N LYS A 14 2.87 -8.75 -7.55
CA LYS A 14 2.85 -9.87 -6.60
C LYS A 14 3.04 -9.39 -5.17
N LEU A 15 4.14 -8.68 -4.95
CA LEU A 15 4.52 -8.30 -3.59
C LEU A 15 3.96 -6.94 -3.21
N CYS A 16 2.69 -6.92 -2.89
CA CYS A 16 2.07 -5.74 -2.29
C CYS A 16 1.48 -6.13 -0.95
N ARG A 17 1.89 -7.30 -0.46
CA ARG A 17 1.39 -7.84 0.80
C ARG A 17 1.98 -7.06 1.96
N GLY A 18 1.18 -6.18 2.52
CA GLY A 18 1.63 -5.33 3.61
C GLY A 18 1.44 -3.87 3.30
N PHE A 19 1.20 -3.58 2.03
CA PHE A 19 0.94 -2.22 1.60
C PHE A 19 -0.53 -1.90 1.79
N DBB A 20 -0.83 -0.61 1.96
CA DBB A 20 -2.19 -0.18 2.20
C DBB A 20 -2.30 0.47 3.58
O DBB A 20 -3.35 0.45 4.22
CB DBB A 20 -2.68 0.80 1.12
CG DBB A 20 -3.13 -0.01 -0.09
H DBB A 20 -0.12 0.05 1.92
HA DBB A 20 -2.84 -1.06 2.18
HB2 DBB A 20 -1.82 1.40 0.83
HG1 DBB A 20 -3.48 0.66 -0.86
HG2 DBB A 20 -3.91 -0.69 0.20
HG3 DBB A 20 -2.28 -0.56 -0.47
N LEU A 21 -1.20 1.03 4.03
CA LEU A 21 -1.14 1.71 5.31
C LEU A 21 -1.12 3.21 5.10
N DBB A 22 -2.27 3.85 5.32
CA DBB A 22 -2.37 5.28 5.13
C DBB A 22 -2.87 5.60 3.72
O DBB A 22 -2.72 6.73 3.24
CB DBB A 22 -3.30 5.93 6.19
CG DBB A 22 -2.58 7.12 6.81
H DBB A 22 -3.05 3.35 5.63
HA DBB A 22 -1.39 5.71 5.25
HB2 DBB A 22 -3.44 5.18 6.96
HG1 DBB A 22 -3.22 7.58 7.54
HG2 DBB A 22 -2.34 7.84 6.04
HG3 DBB A 22 -1.67 6.78 7.29
N CYS A 23 -3.43 4.60 3.08
CA CYS A 23 -3.97 4.75 1.73
C CYS A 23 -5.49 4.95 1.79
N GLY A 24 -6.21 3.91 2.16
CA GLY A 24 -7.65 4.00 2.30
C GLY A 24 -8.06 4.24 3.73
N CYS A 25 -7.25 4.99 4.45
CA CYS A 25 -7.45 5.24 5.87
C CYS A 25 -8.32 6.47 6.11
N HIS A 26 -8.69 7.10 5.02
CA HIS A 26 -9.47 8.33 5.08
C HIS A 26 -10.94 8.02 5.33
N PHE A 27 -11.49 7.17 4.47
CA PHE A 27 -12.88 6.80 4.57
C PHE A 27 -13.06 5.32 4.24
N DBU A 28 -13.46 4.55 5.26
CA DBU A 28 -13.75 3.23 5.03
CB DBU A 28 -12.88 2.28 5.41
CG DBU A 28 -11.59 2.66 6.07
C DBU A 28 -15.07 2.84 4.38
O DBU A 28 -15.09 2.13 3.37
H DBU A 28 -13.54 4.98 6.14
HB DBU A 28 -13.09 1.25 5.15
HG1 DBU A 28 -11.67 2.48 7.12
HG2 DBU A 28 -11.41 3.72 5.89
HG3 DBU A 28 -10.79 2.07 5.67
N GLY A 29 -16.15 3.35 4.95
CA GLY A 29 -17.47 3.03 4.45
C GLY A 29 -18.44 2.76 5.58
N LYS A 30 -18.58 1.50 5.94
CA LYS A 30 -19.45 1.09 7.04
C LYS A 30 -20.88 1.58 6.79
N LYS A 31 -21.48 1.06 5.72
CA LYS A 31 -22.83 1.44 5.37
C LYS A 31 -23.79 0.29 5.62
C 2OP A 1 -0.30 -12.35 -19.93
O 2OP A 1 0.85 -12.78 -19.83
CB 2OP A 1 -0.82 -12.53 -17.48
OHN 2OP A 1 -1.80 -14.04 -19.10
CA 2OP A 1 -1.37 -12.69 -18.89
HB1 2OP A 1 -1.61 -12.14 -16.84
HB2 2OP A 1 0.01 -11.85 -17.50
HB3 2OP A 1 -0.50 -13.50 -17.11
H 2OP A 1 -1.02 -14.62 -19.18
HA 2OP A 1 -2.21 -12.04 -19.02
N ALA A 2 -0.70 -11.59 -20.94
CA ALA A 2 0.21 -11.14 -21.97
C ALA A 2 -0.32 -9.83 -22.57
N DHA A 3 0.18 -8.71 -22.06
CA DHA A 3 -0.38 -7.51 -22.40
CB DHA A 3 0.26 -6.67 -23.23
C DHA A 3 -1.73 -7.11 -21.81
O DHA A 3 -1.86 -6.08 -21.15
H DHA A 3 0.95 -8.80 -21.46
HB1 DHA A 3 1.22 -6.96 -23.65
HB2 DHA A 3 0.25 -5.61 -23.04
N ILE A 4 -2.72 -7.96 -22.06
CA ILE A 4 -4.01 -7.84 -21.43
C ILE A 4 -3.90 -8.29 -19.99
N VAL A 5 -3.89 -7.34 -19.07
CA VAL A 5 -3.69 -7.64 -17.67
C VAL A 5 -4.96 -8.19 -17.03
N LYS A 6 -4.80 -9.24 -16.25
CA LYS A 6 -5.91 -9.83 -15.52
C LYS A 6 -6.00 -9.19 -14.14
N DBU A 7 -5.67 -7.90 -14.08
CA DBU A 7 -5.67 -7.24 -12.90
CB DBU A 7 -6.63 -6.34 -12.63
CG DBU A 7 -7.70 -6.09 -13.66
C DBU A 7 -4.58 -7.51 -11.88
O DBU A 7 -3.39 -7.37 -12.18
H DBU A 7 -5.45 -7.48 -14.95
HB DBU A 7 -6.59 -5.77 -11.71
HG1 DBU A 7 -7.25 -5.69 -14.54
HG2 DBU A 7 -8.42 -5.39 -13.26
HG3 DBU A 7 -8.19 -7.02 -13.90
N DBU A 8 -4.98 -7.94 -10.69
CA DBU A 8 -4.05 -8.22 -9.72
CB DBU A 8 -3.83 -7.34 -8.71
CG DBU A 8 -4.64 -6.07 -8.67
C DBU A 8 -3.24 -9.52 -9.78
O DBU A 8 -3.27 -10.32 -8.85
H DBU A 8 -5.95 -8.06 -10.56
HB DBU A 8 -3.12 -7.58 -7.93
HG1 DBU A 8 -4.00 -5.23 -8.88
HG2 DBU A 8 -5.08 -5.96 -7.69
HG3 DBU A 8 -5.40 -6.11 -9.43
N ILE A 9 -2.56 -9.72 -10.89
CA ILE A 9 -1.79 -10.91 -11.11
C ILE A 9 -0.31 -10.63 -10.83
N LYS A 10 0.30 -11.45 -9.98
CA LYS A 10 1.70 -11.31 -9.59
C LYS A 10 1.94 -9.95 -8.95
N ALA A 11 0.94 -9.46 -8.24
CA ALA A 11 1.02 -8.14 -7.63
C ALA A 11 1.80 -8.20 -6.32
N DAL A 12 3.12 -8.32 -6.46
CA DAL A 12 4.01 -8.36 -5.32
CB DAL A 12 4.01 -7.01 -4.59
C DAL A 12 5.42 -8.71 -5.77
O DAL A 12 5.96 -9.76 -5.42
H DAL A 12 3.49 -8.40 -7.36
HA DAL A 12 3.66 -9.12 -4.64
HB1 DAL A 12 2.99 -6.73 -4.39
HB2 DAL A 12 4.46 -6.27 -5.23
N LYS A 13 6.00 -7.84 -6.59
CA LYS A 13 7.31 -8.09 -7.15
C LYS A 13 8.41 -7.32 -6.41
N LYS A 14 8.00 -6.49 -5.44
CA LYS A 14 8.98 -5.71 -4.67
C LYS A 14 8.33 -4.94 -3.51
N LEU A 15 8.87 -5.18 -2.31
CA LEU A 15 8.60 -4.33 -1.13
C LEU A 15 7.13 -4.27 -0.77
N CYS A 16 6.35 -5.26 -1.16
CA CYS A 16 4.94 -5.27 -0.87
C CYS A 16 4.62 -6.20 0.30
N ARG A 17 5.47 -6.16 1.32
CA ARG A 17 5.24 -6.93 2.54
C ARG A 17 4.49 -6.08 3.55
N GLY A 18 4.25 -4.85 3.15
CA GLY A 18 3.55 -3.90 4.00
C GLY A 18 2.98 -2.77 3.19
N PHE A 19 1.79 -2.97 2.66
CA PHE A 19 1.15 -1.96 1.83
C PHE A 19 -0.26 -1.67 2.34
N DBB A 20 -0.84 -0.61 1.82
CA DBB A 20 -2.20 -0.24 2.17
C DBB A 20 -2.24 0.39 3.57
O DBB A 20 -3.23 0.23 4.30
CB DBB A 20 -2.77 0.75 1.12
CG DBB A 20 -3.37 -0.07 -0.01
H DBB A 20 -0.35 -0.05 1.16
HA DBB A 20 -2.80 -1.12 2.16
HB2 DBB A 20 -1.93 1.30 0.73
HG1 DBB A 20 -2.61 -0.69 -0.46
HG2 DBB A 20 -3.76 0.61 -0.77
HG3 DBB A 20 -4.16 -0.68 0.36
N LEU A 21 -1.18 1.07 3.94
CA LEU A 21 -1.09 1.71 5.24
C LEU A 21 -1.10 3.23 5.08
N DBB A 22 -2.23 3.83 5.39
CA DBB A 22 -2.39 5.28 5.24
C DBB A 22 -2.85 5.59 3.81
O DBB A 22 -2.62 6.68 3.29
CB DBB A 22 -3.38 5.85 6.26
CG DBB A 22 -2.66 6.95 7.04
H DBB A 22 -2.99 3.31 5.73
HA DBB A 22 -1.42 5.73 5.39
HB2 DBB A 22 -3.61 5.05 6.96
HG1 DBB A 22 -2.34 7.73 6.36
HG2 DBB A 22 -1.80 6.54 7.53
HG3 DBB A 22 -3.34 7.38 7.78
N CYS A 23 -3.48 4.61 3.18
CA CYS A 23 -3.96 4.75 1.82
C CYS A 23 -5.48 4.91 1.78
N GLY A 24 -6.17 3.90 2.29
CA GLY A 24 -7.62 3.94 2.35
C GLY A 24 -8.09 4.29 3.74
N CYS A 25 -7.22 4.94 4.48
CA CYS A 25 -7.53 5.37 5.85
C CYS A 25 -8.44 6.59 5.85
N HIS A 26 -8.81 7.07 7.02
CA HIS A 26 -9.74 8.18 7.12
C HIS A 26 -9.13 9.31 7.94
N PHE A 27 -7.80 9.29 8.06
CA PHE A 27 -7.05 10.36 8.73
C PHE A 27 -7.37 10.38 10.23
N DBU A 28 -8.06 9.34 10.71
CA DBU A 28 -8.51 9.37 12.00
CB DBU A 28 -7.97 8.56 12.92
CG DBU A 28 -6.85 7.64 12.53
C DBU A 28 -9.65 10.30 12.37
O DBU A 28 -9.79 10.70 13.53
H DBU A 28 -8.20 8.59 10.09
HB DBU A 28 -8.40 8.51 13.91
HG1 DBU A 28 -7.16 6.61 12.66
HG2 DBU A 28 -5.98 7.85 13.14
HG3 DBU A 28 -6.61 7.80 11.49
N GLY A 29 -10.43 10.67 11.37
CA GLY A 29 -11.54 11.57 11.58
C GLY A 29 -12.77 10.87 12.13
N LYS A 30 -13.62 11.61 12.81
CA LYS A 30 -14.82 11.07 13.40
C LYS A 30 -16.00 11.14 12.43
N LYS A 31 -15.82 11.92 11.38
CA LYS A 31 -16.87 12.09 10.38
C LYS A 31 -16.50 11.34 9.09
C 2OP A 1 -0.67 -22.84 -5.80
O 2OP A 1 -0.40 -21.69 -5.44
CB 2OP A 1 -1.77 -23.64 -3.69
OHN 2OP A 1 -1.89 -24.91 -5.75
CA 2OP A 1 -1.86 -23.58 -5.21
HB1 2OP A 1 -1.32 -22.73 -3.31
HB2 2OP A 1 -1.17 -24.49 -3.39
HB3 2OP A 1 -2.77 -23.74 -3.28
H 2OP A 1 -2.72 -25.03 -6.24
HA 2OP A 1 -2.78 -23.07 -5.48
N ALA A 2 0.04 -23.53 -6.69
CA ALA A 2 1.22 -22.98 -7.37
C ALA A 2 2.38 -22.78 -6.39
N DHA A 3 2.33 -23.48 -5.27
CA DHA A 3 3.34 -23.37 -4.34
CB DHA A 3 4.15 -24.41 -4.13
C DHA A 3 3.55 -22.08 -3.56
O DHA A 3 3.12 -21.96 -2.41
H DHA A 3 1.55 -24.07 -5.15
HB1 DHA A 3 4.01 -25.33 -4.69
HB2 DHA A 3 4.48 -24.65 -3.13
N ILE A 4 4.19 -21.11 -4.19
CA ILE A 4 4.48 -19.84 -3.56
C ILE A 4 3.46 -18.80 -4.01
N VAL A 5 3.59 -17.57 -3.53
CA VAL A 5 2.71 -16.50 -3.93
C VAL A 5 3.08 -16.01 -5.33
N LYS A 6 2.34 -16.47 -6.33
CA LYS A 6 2.60 -16.09 -7.71
C LYS A 6 1.80 -14.84 -8.10
N DBU A 7 1.41 -14.07 -7.10
CA DBU A 7 0.67 -12.95 -7.35
CB DBU A 7 1.20 -11.73 -7.16
CG DBU A 7 2.61 -11.64 -6.65
C DBU A 7 -0.76 -13.06 -7.86
O DBU A 7 -1.18 -12.36 -8.78
H DBU A 7 1.67 -14.36 -6.20
HB DBU A 7 0.65 -10.85 -7.42
HG1 DBU A 7 2.88 -12.54 -6.14
HG2 DBU A 7 2.70 -10.79 -5.98
HG3 DBU A 7 3.29 -11.50 -7.49
N DBU A 8 -1.51 -13.99 -7.27
CA DBU A 8 -2.81 -14.15 -7.64
CB DBU A 8 -3.17 -15.19 -8.41
CG DBU A 8 -2.12 -16.15 -8.88
C DBU A 8 -3.88 -13.17 -7.16
O DBU A 8 -4.87 -12.91 -7.83
H DBU A 8 -1.07 -14.53 -6.58
HB DBU A 8 -4.20 -15.31 -8.70
HG1 DBU A 8 -1.52 -16.46 -8.03
HG2 DBU A 8 -1.48 -15.67 -9.61
HG3 DBU A 8 -2.58 -17.01 -9.30
N ILE A 9 -3.65 -12.61 -5.98
CA ILE A 9 -4.61 -11.70 -5.37
C ILE A 9 -4.51 -10.31 -6.00
N LYS A 10 -5.30 -10.11 -7.07
CA LYS A 10 -5.41 -8.82 -7.73
C LYS A 10 -4.05 -8.34 -8.24
N ALA A 11 -3.48 -9.10 -9.19
CA ALA A 11 -2.16 -8.81 -9.76
C ALA A 11 -1.08 -8.88 -8.67
N DAL A 12 0.11 -8.36 -8.97
CA DAL A 12 1.17 -8.33 -7.97
CB DAL A 12 0.82 -7.32 -6.87
C DAL A 12 2.52 -8.01 -8.59
O DAL A 12 3.37 -8.88 -8.75
H DAL A 12 0.26 -8.00 -9.86
HA DAL A 12 1.22 -9.31 -7.52
HB1 DAL A 12 -0.25 -7.31 -6.73
HB2 DAL A 12 1.16 -6.34 -7.16
N LYS A 13 2.72 -6.74 -8.94
CA LYS A 13 3.98 -6.31 -9.52
C LYS A 13 4.67 -5.34 -8.55
N LYS A 14 6.02 -5.32 -8.59
CA LYS A 14 6.82 -4.45 -7.74
C LYS A 14 6.77 -4.90 -6.28
N LEU A 15 6.54 -6.20 -6.08
CA LEU A 15 6.46 -6.80 -4.75
C LEU A 15 5.33 -6.17 -3.92
N CYS A 16 4.12 -6.56 -4.24
CA CYS A 16 2.96 -6.09 -3.51
C CYS A 16 2.73 -6.94 -2.26
N ARG A 17 3.03 -6.37 -1.10
CA ARG A 17 2.91 -7.10 0.14
C ARG A 17 1.90 -6.43 1.07
N GLY A 18 1.00 -5.67 0.46
CA GLY A 18 0.00 -4.96 1.21
C GLY A 18 0.53 -3.66 1.78
N PHE A 19 0.84 -2.72 0.91
CA PHE A 19 1.38 -1.44 1.33
C PHE A 19 0.28 -0.42 1.54
N DBB A 20 -0.88 -0.94 1.88
CA DBB A 20 -2.10 -0.16 2.11
C DBB A 20 -2.05 0.50 3.49
O DBB A 20 -3.04 0.47 4.23
CB DBB A 20 -2.34 0.90 1.02
CG DBB A 20 -2.44 0.19 -0.33
H DBB A 20 -0.91 -1.92 2.01
HA DBB A 20 -2.93 -0.86 2.10
HB2 DBB A 20 -1.47 1.55 1.00
HG1 DBB A 20 -2.60 0.93 -1.10
HG2 DBB A 20 -3.25 -0.51 -0.31
HG3 DBB A 20 -1.51 -0.33 -0.53
N LEU A 21 -0.93 1.11 3.82
CA LEU A 21 -0.76 1.77 5.10
C LEU A 21 -1.06 3.26 4.98
N DBB A 22 -2.28 3.63 5.37
CA DBB A 22 -2.69 5.02 5.36
C DBB A 22 -3.15 5.44 3.95
O DBB A 22 -3.24 6.63 3.64
CB DBB A 22 -3.80 5.28 6.41
CG DBB A 22 -3.16 5.93 7.62
H DBB A 22 -2.91 2.95 5.68
HA DBB A 22 -1.83 5.62 5.63
HB2 DBB A 22 -4.17 4.31 6.71
HG1 DBB A 22 -3.91 6.11 8.38
HG2 DBB A 22 -2.71 6.87 7.33
HG3 DBB A 22 -2.39 5.28 8.02
N CYS A 23 -3.43 4.45 3.12
CA CYS A 23 -3.83 4.70 1.74
C CYS A 23 -5.36 4.80 1.66
N GLY A 24 -6.04 3.94 2.41
CA GLY A 24 -7.48 3.96 2.47
C GLY A 24 -7.96 4.15 3.87
N CYS A 25 -7.67 5.32 4.43
CA CYS A 25 -7.94 5.60 5.82
C CYS A 25 -8.51 6.99 6.00
N HIS A 26 -9.38 7.15 6.99
CA HIS A 26 -9.92 8.45 7.35
C HIS A 26 -9.30 8.91 8.67
N PHE A 27 -8.34 9.82 8.57
CA PHE A 27 -7.63 10.29 9.75
C PHE A 27 -7.61 11.81 9.77
N DBU A 28 -7.95 12.38 10.92
CA DBU A 28 -7.88 13.73 11.05
CB DBU A 28 -9.00 14.47 10.98
CG DBU A 28 -10.31 13.80 10.75
C DBU A 28 -6.54 14.41 11.30
O DBU A 28 -5.72 13.90 12.06
H DBU A 28 -8.25 11.77 11.64
HB DBU A 28 -8.95 15.54 11.12
HG1 DBU A 28 -10.16 12.75 10.55
HG2 DBU A 28 -10.81 14.26 9.90
HG3 DBU A 28 -10.94 13.90 11.62
N GLY A 29 -6.32 15.52 10.63
CA GLY A 29 -5.14 16.31 10.88
C GLY A 29 -5.21 16.99 12.23
N LYS A 30 -6.44 17.28 12.65
CA LYS A 30 -6.69 17.84 13.97
C LYS A 30 -7.27 16.77 14.88
N LYS A 31 -6.72 16.67 16.08
CA LYS A 31 -7.26 15.80 17.09
C LYS A 31 -8.53 16.42 17.67
C 2OP A 1 0.49 -2.98 -16.94
O 2OP A 1 1.09 -3.63 -16.08
CB 2OP A 1 -1.64 -1.76 -16.44
OHN 2OP A 1 0.15 -0.70 -17.67
CA 2OP A 1 -0.13 -1.63 -16.61
HB1 2OP A 1 -2.14 -1.49 -17.37
HB2 2OP A 1 -1.97 -1.11 -15.65
HB3 2OP A 1 -1.88 -2.78 -16.19
H 2OP A 1 -0.67 -0.25 -17.92
HA 2OP A 1 0.28 -1.26 -15.69
N ALA A 2 0.36 -3.38 -18.19
CA ALA A 2 0.96 -4.63 -18.64
C ALA A 2 2.43 -4.43 -18.91
N DHA A 3 2.79 -3.26 -19.40
CA DHA A 3 4.10 -2.96 -19.61
CB DHA A 3 4.66 -3.19 -20.80
C DHA A 3 4.93 -2.38 -18.48
O DHA A 3 5.44 -3.10 -17.62
H DHA A 3 2.05 -2.62 -19.62
HB1 DHA A 3 4.07 -3.59 -21.60
HB2 DHA A 3 5.67 -3.57 -20.87
N ILE A 4 5.06 -1.06 -18.48
CA ILE A 4 5.84 -0.38 -17.48
C ILE A 4 4.94 0.31 -16.44
N VAL A 5 5.04 -0.14 -15.20
CA VAL A 5 4.34 0.49 -14.10
C VAL A 5 5.35 1.22 -13.22
N LYS A 6 5.35 2.54 -13.31
CA LYS A 6 6.37 3.40 -12.69
C LYS A 6 6.42 3.25 -11.17
N DBU A 7 5.35 2.70 -10.62
CA DBU A 7 5.30 2.51 -9.27
CB DBU A 7 4.51 3.28 -8.51
CG DBU A 7 3.68 4.33 -9.18
C DBU A 7 6.15 1.43 -8.59
O DBU A 7 5.64 0.59 -7.85
H DBU A 7 4.63 2.43 -11.24
HB DBU A 7 4.42 3.10 -7.45
HG1 DBU A 7 2.73 4.45 -8.67
HG2 DBU A 7 3.49 4.04 -10.22
HG3 DBU A 7 4.20 5.28 -9.16
N DBU A 8 7.44 1.45 -8.88
CA DBU A 8 8.31 0.58 -8.30
CB DBU A 8 9.44 1.04 -7.75
CG DBU A 8 9.72 2.52 -7.79
C DBU A 8 8.04 -0.92 -8.27
O DBU A 8 7.80 -1.55 -9.30
H DBU A 8 7.72 2.13 -9.53
HB DBU A 8 10.13 0.36 -7.27
HG1 DBU A 8 8.83 3.05 -7.51
HG2 DBU A 8 10.03 2.79 -8.79
HG3 DBU A 8 10.51 2.75 -7.09
N ILE A 9 8.03 -1.45 -7.06
CA ILE A 9 7.93 -2.90 -6.86
C ILE A 9 6.52 -3.31 -6.49
N LYS A 10 6.07 -4.41 -7.08
CA LYS A 10 4.76 -4.98 -6.77
C LYS A 10 4.95 -6.30 -6.04
N ALA A 11 4.90 -6.26 -4.72
CA ALA A 11 5.12 -7.44 -3.91
C ALA A 11 3.83 -7.94 -3.29
N DAL A 12 3.32 -9.05 -3.80
CA DAL A 12 2.09 -9.63 -3.30
CB DAL A 12 2.37 -10.47 -2.04
C DAL A 12 1.46 -10.50 -4.37
O DAL A 12 1.98 -11.56 -4.71
H DAL A 12 3.78 -9.48 -4.55
HA DAL A 12 1.42 -8.83 -3.04
HB1 DAL A 12 2.94 -9.87 -1.35
HB2 DAL A 12 2.94 -11.34 -2.31
N LYS A 13 0.32 -10.02 -4.91
CA LYS A 13 -0.38 -10.70 -5.99
C LYS A 13 -0.83 -12.10 -5.57
N LYS A 14 -0.97 -12.30 -4.27
CA LYS A 14 -1.43 -13.58 -3.72
C LYS A 14 -1.92 -13.40 -2.29
N LEU A 15 -3.10 -12.81 -2.17
CA LEU A 15 -3.74 -12.54 -0.88
C LEU A 15 -2.89 -11.55 -0.05
N CYS A 16 -2.17 -10.68 -0.73
CA CYS A 16 -1.33 -9.70 -0.07
C CYS A 16 -2.07 -8.37 0.08
N ARG A 17 -2.21 -7.91 1.30
CA ARG A 17 -2.89 -6.65 1.58
C ARG A 17 -1.98 -5.70 2.37
N GLY A 18 -0.67 -5.90 2.22
CA GLY A 18 0.28 -5.12 2.98
C GLY A 18 0.58 -3.77 2.36
N PHE A 19 0.15 -3.56 1.13
CA PHE A 19 0.40 -2.31 0.45
C PHE A 19 -0.73 -1.32 0.69
N DBB A 20 -0.48 -0.34 1.55
CA DBB A 20 -1.48 0.67 1.85
C DBB A 20 -1.62 0.90 3.35
O DBB A 20 -2.72 0.80 3.89
CB DBB A 20 -1.15 2.04 1.21
CG DBB A 20 0.27 2.03 0.66
H DBB A 20 0.39 -0.31 1.99
HA DBB A 20 -2.42 0.33 1.46
HB2 DBB A 20 -1.19 2.76 2.03
HG1 DBB A 20 0.34 1.27 -0.11
HG2 DBB A 20 0.96 1.79 1.45
HG3 DBB A 20 0.51 2.99 0.24
N LEU A 21 -0.52 1.19 4.00
CA LEU A 21 -0.55 1.66 5.38
C LEU A 21 -1.10 3.08 5.40
N DBB A 22 -2.43 3.18 5.37
CA DBB A 22 -3.10 4.48 5.30
C DBB A 22 -3.51 4.78 3.85
O DBB A 22 -3.61 5.92 3.45
CB DBB A 22 -4.34 4.51 6.21
CG DBB A 22 -3.95 3.97 7.58
H DBB A 22 -2.97 2.36 5.40
HA DBB A 22 -2.41 5.23 5.62
HB2 DBB A 22 -5.07 3.84 5.77
HG1 DBB A 22 -3.18 4.58 8.01
HG2 DBB A 22 -3.59 2.96 7.47
HG3 DBB A 22 -4.82 3.97 8.22
N CYS A 23 -3.73 3.72 3.07
CA CYS A 23 -4.18 3.88 1.68
C CYS A 23 -5.66 4.24 1.61
N GLY A 24 -6.39 3.82 2.63
CA GLY A 24 -7.83 4.07 2.66
C GLY A 24 -8.29 4.65 3.99
N CYS A 25 -7.52 5.61 4.50
CA CYS A 25 -7.84 6.22 5.77
C CYS A 25 -7.87 7.74 5.62
N HIS A 26 -8.56 8.41 6.54
CA HIS A 26 -8.56 9.86 6.58
C HIS A 26 -7.61 10.35 7.65
N PHE A 27 -6.54 11.01 7.22
CA PHE A 27 -5.47 11.43 8.14
C PHE A 27 -5.98 12.41 9.20
N DBU A 28 -5.47 12.23 10.40
CA DBU A 28 -5.87 13.03 11.45
CB DBU A 28 -5.12 14.09 11.80
CG DBU A 28 -3.88 14.40 11.02
C DBU A 28 -7.12 12.71 12.23
O DBU A 28 -7.13 11.77 13.04
H DBU A 28 -4.84 11.49 10.51
HB DBU A 28 -5.45 14.73 12.60
HG1 DBU A 28 -3.03 13.95 11.51
HG2 DBU A 28 -3.73 15.48 11.00
HG3 DBU A 28 -3.96 14.02 10.02
N GLY A 29 -8.19 13.47 12.01
CA GLY A 29 -9.41 13.25 12.75
C GLY A 29 -10.52 14.23 12.39
N LYS A 30 -11.66 13.69 11.99
CA LYS A 30 -12.84 14.49 11.68
C LYS A 30 -14.09 13.76 12.20
N LYS A 31 -15.26 14.20 11.77
CA LYS A 31 -16.49 13.50 12.12
C LYS A 31 -16.84 12.47 11.04
C 2OP A 1 20.05 2.60 -22.40
O 2OP A 1 19.03 1.90 -22.43
CB 2OP A 1 18.76 4.70 -22.86
OHN 2OP A 1 20.35 3.83 -24.45
CA 2OP A 1 20.08 3.97 -23.05
HB1 2OP A 1 18.91 5.77 -22.94
HB2 2OP A 1 18.35 4.46 -21.89
HB3 2OP A 1 18.06 4.39 -23.63
H 2OP A 1 20.47 2.89 -24.67
HA 2OP A 1 20.86 4.57 -22.61
N ALA A 2 21.18 2.19 -21.83
CA ALA A 2 21.28 0.92 -21.13
C ALA A 2 20.65 1.02 -19.75
N DHA A 3 20.05 -0.06 -19.30
CA DHA A 3 19.37 -0.01 -18.12
CB DHA A 3 19.99 -0.32 -16.98
C DHA A 3 17.90 0.39 -18.10
O DHA A 3 17.47 1.21 -17.28
H DHA A 3 20.10 -0.86 -19.86
HB1 DHA A 3 21.03 -0.60 -16.98
HB2 DHA A 3 19.78 0.26 -16.08
N ILE A 4 17.16 -0.15 -19.05
CA ILE A 4 15.77 0.20 -19.22
C ILE A 4 14.85 -0.62 -18.32
N VAL A 5 14.11 0.07 -17.47
CA VAL A 5 13.14 -0.56 -16.62
C VAL A 5 11.84 0.24 -16.66
N LYS A 6 10.80 -0.37 -17.23
CA LYS A 6 9.54 0.34 -17.43
C LYS A 6 8.69 0.25 -16.16
N DBU A 7 8.02 1.35 -15.83
CA DBU A 7 7.28 1.37 -14.69
CB DBU A 7 5.95 1.12 -14.74
CG DBU A 7 5.31 0.86 -16.07
C DBU A 7 7.94 1.61 -13.35
O DBU A 7 7.39 2.28 -12.47
H DBU A 7 8.11 2.12 -16.45
HB DBU A 7 5.38 1.12 -13.83
HG1 DBU A 7 4.30 0.52 -15.93
HG2 DBU A 7 5.88 0.11 -16.61
HG3 DBU A 7 5.29 1.77 -16.65
N DBU A 8 9.16 1.09 -13.21
CA DBU A 8 9.83 1.22 -12.03
CB DBU A 8 10.91 2.01 -11.96
CG DBU A 8 11.37 2.74 -13.19
C DBU A 8 9.35 0.48 -10.80
O DBU A 8 9.29 -0.75 -10.78
H DBU A 8 9.51 0.61 -13.98
HB DBU A 8 11.43 2.14 -11.02
HG1 DBU A 8 11.18 3.79 -13.08
HG2 DBU A 8 10.83 2.36 -14.04
HG3 DBU A 8 12.43 2.60 -13.33
N ILE A 9 8.99 1.24 -9.79
CA ILE A 9 8.46 0.70 -8.55
C ILE A 9 7.23 1.51 -8.14
N LYS A 10 6.14 0.83 -7.82
CA LYS A 10 4.92 1.52 -7.41
C LYS A 10 5.03 2.01 -5.97
N ALA A 11 5.90 2.99 -5.77
CA ALA A 11 6.16 3.55 -4.44
C ALA A 11 6.75 2.50 -3.50
N DAL A 12 7.10 2.92 -2.30
CA DAL A 12 7.63 2.01 -1.32
CB DAL A 12 6.99 2.27 0.05
C DAL A 12 9.15 2.13 -1.22
O DAL A 12 9.79 1.42 -0.44
H DAL A 12 7.01 3.87 -2.09
HA DAL A 12 7.39 1.01 -1.63
HB1 DAL A 12 5.92 2.41 -0.10
HB2 DAL A 12 7.40 3.17 0.48
N LYS A 13 9.71 3.04 -2.02
CA LYS A 13 11.15 3.30 -2.09
C LYS A 13 11.91 2.11 -2.68
N LYS A 14 11.79 0.95 -2.05
CA LYS A 14 12.45 -0.25 -2.50
C LYS A 14 11.46 -1.41 -2.57
N LEU A 15 10.99 -1.84 -1.42
CA LEU A 15 10.13 -3.00 -1.34
C LEU A 15 8.70 -2.59 -0.97
N CYS A 16 8.54 -2.11 0.27
CA CYS A 16 7.23 -1.85 0.85
C CYS A 16 6.29 -3.03 0.62
N ARG A 17 6.46 -4.08 1.42
CA ARG A 17 5.65 -5.28 1.29
C ARG A 17 4.40 -5.17 2.14
N GLY A 18 4.14 -3.95 2.58
CA GLY A 18 2.94 -3.66 3.33
C GLY A 18 2.28 -2.40 2.82
N PHE A 19 2.01 -2.38 1.53
CA PHE A 19 1.40 -1.23 0.90
C PHE A 19 -0.11 -1.27 1.10
N DBB A 20 -0.63 -0.26 1.78
CA DBB A 20 -2.05 -0.19 2.07
C DBB A 20 -2.29 0.39 3.47
O DBB A 20 -3.40 0.31 4.00
CB DBB A 20 -2.78 0.67 1.00
CG DBB A 20 -3.46 -0.28 0.01
H DBB A 20 -0.05 0.46 2.08
HA DBB A 20 -2.46 -1.19 2.02
HB2 DBB A 20 -2.01 1.21 0.46
HG1 DBB A 20 -3.97 0.29 -0.75
HG2 DBB A 20 -4.18 -0.90 0.53
HG3 DBB A 20 -2.71 -0.91 -0.46
N LEU A 21 -1.24 0.93 4.07
CA LEU A 21 -1.35 1.63 5.33
C LEU A 21 -1.26 3.14 5.10
N DBB A 22 -2.34 3.85 5.39
CA DBB A 22 -2.39 5.28 5.14
C DBB A 22 -2.82 5.55 3.70
O DBB A 22 -2.52 6.61 3.13
CB DBB A 22 -3.34 5.99 6.14
CG DBB A 22 -2.58 7.15 6.78
H DBB A 22 -3.12 3.40 5.77
HA DBB A 22 -1.40 5.67 5.29
HB2 DBB A 22 -3.57 5.28 6.91
HG1 DBB A 22 -2.28 7.85 6.01
HG2 DBB A 22 -1.71 6.76 7.27
HG3 DBB A 22 -3.22 7.64 7.50
N CYS A 23 -3.49 4.58 3.12
CA CYS A 23 -3.95 4.67 1.74
C CYS A 23 -5.47 4.77 1.70
N GLY A 24 -6.12 3.86 2.41
CA GLY A 24 -7.57 3.85 2.49
C GLY A 24 -8.02 4.26 3.87
N CYS A 25 -7.19 5.03 4.54
CA CYS A 25 -7.47 5.52 5.87
C CYS A 25 -8.45 6.69 5.83
N HIS A 26 -9.52 6.56 6.59
CA HIS A 26 -10.59 7.54 6.57
C HIS A 26 -10.29 8.64 7.58
N PHE A 27 -10.22 9.86 7.09
CA PHE A 27 -9.94 11.01 7.93
C PHE A 27 -11.09 11.27 8.89
N DBU A 28 -10.84 11.03 10.17
CA DBU A 28 -11.82 11.21 11.11
CB DBU A 28 -11.68 12.15 12.05
CG DBU A 28 -10.44 13.00 12.06
C DBU A 28 -13.08 10.34 11.09
O DBU A 28 -13.09 9.24 11.64
H DBU A 28 -9.93 10.72 10.39
HB DBU A 28 -12.48 12.32 12.76
HG1 DBU A 28 -10.53 13.76 12.80
HG2 DBU A 28 -10.30 13.45 11.09
HG3 DBU A 28 -9.58 12.38 12.29
N GLY A 29 -14.12 10.85 10.46
CA GLY A 29 -15.36 10.11 10.40
C GLY A 29 -16.02 10.19 9.04
N LYS A 30 -15.21 10.35 8.00
CA LYS A 30 -15.72 10.44 6.65
C LYS A 30 -15.87 9.05 6.03
N LYS A 31 -17.05 8.79 5.49
CA LYS A 31 -17.36 7.49 4.91
C LYS A 31 -16.80 7.38 3.50
C 2OP A 1 7.75 5.40 19.94
O 2OP A 1 8.77 4.73 20.07
CB 2OP A 1 7.56 7.36 21.49
OHN 2OP A 1 7.24 5.10 22.28
CA 2OP A 1 7.03 5.98 21.16
HB1 2OP A 1 8.56 7.47 21.10
HB2 2OP A 1 7.58 7.50 22.57
HB3 2OP A 1 6.92 8.11 21.05
H 2OP A 1 7.32 4.19 21.95
HA 2OP A 1 5.97 6.06 20.95
N ALA A 2 7.22 5.67 18.76
CA ALA A 2 7.79 5.14 17.53
C ALA A 2 8.34 6.26 16.67
N DHA A 3 9.57 6.09 16.20
CA DHA A 3 10.12 7.02 15.36
CB DHA A 3 11.09 7.84 15.78
C DHA A 3 9.61 7.13 13.91
O DHA A 3 10.16 6.50 13.02
H DHA A 3 10.06 5.30 16.52
HB1 DHA A 3 11.45 7.76 16.80
HB2 DHA A 3 11.91 8.07 15.12
N ILE A 4 8.55 7.91 13.72
CA ILE A 4 7.96 8.06 12.40
C ILE A 4 8.86 8.88 11.49
N VAL A 5 9.15 8.34 10.32
CA VAL A 5 9.99 9.01 9.36
C VAL A 5 9.18 9.45 8.14
N LYS A 6 9.74 10.33 7.34
CA LYS A 6 9.07 10.83 6.13
C LYS A 6 9.28 9.89 4.95
N DBU A 7 9.49 8.62 5.25
CA DBU A 7 9.66 7.69 4.25
CB DBU A 7 8.64 6.86 3.94
CG DBU A 7 7.34 6.98 4.70
C DBU A 7 10.97 7.58 3.50
O DBU A 7 11.68 6.58 3.62
H DBU A 7 9.52 8.39 6.20
HB DBU A 7 8.72 6.22 3.09
HG1 DBU A 7 6.88 7.92 4.48
HG2 DBU A 7 7.55 6.91 5.77
HG3 DBU A 7 6.68 6.19 4.40
N DBU A 8 11.29 8.60 2.72
CA DBU A 8 12.44 8.56 1.98
CB DBU A 8 13.49 9.33 2.35
CG DBU A 8 13.37 10.20 3.56
C DBU A 8 12.57 7.67 0.75
O DBU A 8 12.76 8.15 -0.37
H DBU A 8 10.66 9.36 2.70
HB DBU A 8 14.42 9.27 1.80
HG1 DBU A 8 12.75 9.72 4.30
HG2 DBU A 8 12.93 11.14 3.27
HG3 DBU A 8 14.35 10.38 3.98
N ILE A 9 12.44 6.37 0.97
CA ILE A 9 12.56 5.40 -0.09
C ILE A 9 11.20 4.77 -0.40
N LYS A 10 10.97 4.47 -1.68
CA LYS A 10 9.73 3.82 -2.10
C LYS A 10 9.76 2.35 -1.70
N ALA A 11 8.84 1.98 -0.81
CA ALA A 11 8.74 0.61 -0.35
C ALA A 11 7.85 -0.21 -1.27
N DAL A 12 8.40 -1.25 -1.86
CA DAL A 12 7.63 -2.12 -2.74
CB DAL A 12 7.17 -3.37 -1.96
C DAL A 12 8.47 -2.54 -3.95
O DAL A 12 8.02 -2.45 -5.08
H DAL A 12 9.35 -1.45 -1.68
HA DAL A 12 6.78 -1.57 -3.08
HB1 DAL A 12 6.49 -3.05 -1.18
HB2 DAL A 12 8.02 -3.84 -1.52
N LYS A 13 9.70 -2.97 -3.69
CA LYS A 13 10.54 -3.52 -4.76
C LYS A 13 10.29 -5.02 -4.87
N LYS A 14 10.72 -5.75 -3.84
CA LYS A 14 10.49 -7.19 -3.77
C LYS A 14 9.73 -7.56 -2.49
N LEU A 15 9.90 -6.75 -1.45
CA LEU A 15 9.30 -7.03 -0.16
C LEU A 15 8.09 -6.15 0.07
N CYS A 16 7.01 -6.49 -0.62
CA CYS A 16 5.77 -5.75 -0.48
C CYS A 16 4.77 -6.57 0.33
N ARG A 17 4.62 -6.22 1.59
CA ARG A 17 3.70 -6.91 2.49
C ARG A 17 2.39 -6.14 2.61
N GLY A 18 2.07 -5.38 1.57
CA GLY A 18 0.87 -4.58 1.60
C GLY A 18 1.15 -3.15 1.96
N PHE A 19 1.26 -2.29 0.95
CA PHE A 19 1.61 -0.88 1.18
C PHE A 19 0.38 -0.04 1.40
N DBB A 20 -0.69 -0.72 1.76
CA DBB A 20 -1.99 -0.12 2.05
C DBB A 20 -2.02 0.50 3.45
O DBB A 20 -3.02 0.42 4.16
CB DBB A 20 -2.41 0.93 1.00
CG DBB A 20 -2.61 0.23 -0.34
H DBB A 20 -0.58 -1.70 1.85
HA DBB A 20 -2.73 -0.92 2.03
HB2 DBB A 20 -1.55 1.60 0.90
HG1 DBB A 20 -1.71 -0.28 -0.64
HG2 DBB A 20 -2.87 0.96 -1.09
HG3 DBB A 20 -3.41 -0.50 -0.24
N LEU A 21 -0.91 1.11 3.84
CA LEU A 21 -0.80 1.70 5.16
C LEU A 21 -1.06 3.19 5.08
N DBB A 22 -2.29 3.58 5.38
CA DBB A 22 -2.67 4.99 5.38
C DBB A 22 -3.14 5.41 3.99
O DBB A 22 -3.09 6.59 3.63
CB DBB A 22 -3.76 5.25 6.44
CG DBB A 22 -3.07 5.68 7.74
H DBB A 22 -2.96 2.90 5.60
HA DBB A 22 -1.80 5.56 5.65
HB2 DBB A 22 -4.25 4.30 6.64
HG1 DBB A 22 -2.42 4.89 8.09
HG2 DBB A 22 -3.81 5.89 8.49
HG3 DBB A 22 -2.48 6.57 7.56
N CYS A 23 -3.57 4.44 3.21
CA CYS A 23 -4.01 4.69 1.84
C CYS A 23 -5.53 4.77 1.77
N GLY A 24 -6.19 3.87 2.49
CA GLY A 24 -7.64 3.85 2.49
C GLY A 24 -8.20 4.42 3.77
N CYS A 25 -7.35 5.12 4.52
CA CYS A 25 -7.74 5.68 5.79
C CYS A 25 -8.32 7.07 5.62
N HIS A 26 -9.53 7.25 6.11
CA HIS A 26 -10.18 8.55 6.08
C HIS A 26 -10.56 8.98 7.50
N PHE A 27 -10.25 8.13 8.46
CA PHE A 27 -10.48 8.44 9.86
C PHE A 27 -9.15 8.37 10.62
N DBU A 28 -8.69 9.53 11.10
CA DBU A 28 -7.48 9.57 11.72
CB DBU A 28 -7.38 10.10 12.96
CG DBU A 28 -8.62 10.64 13.61
C DBU A 28 -6.23 9.03 11.03
O DBU A 28 -5.28 8.57 11.68
H DBU A 28 -9.26 10.31 10.96
HB DBU A 28 -6.42 10.15 13.45
HG1 DBU A 28 -9.48 10.13 13.23
HG2 DBU A 28 -8.69 11.70 13.42
HG3 DBU A 28 -8.56 10.47 14.68
N GLY A 29 -6.25 9.10 9.71
CA GLY A 29 -5.14 8.60 8.93
C GLY A 29 -4.61 9.66 7.99
N LYS A 30 -3.31 9.59 7.68
CA LYS A 30 -2.62 10.56 6.83
C LYS A 30 -2.41 11.87 7.60
N LYS A 31 -3.38 12.24 8.41
CA LYS A 31 -3.23 13.32 9.36
C LYS A 31 -3.59 12.79 10.76
C 2OP A 1 -11.66 -7.75 14.59
O 2OP A 1 -10.92 -6.79 14.30
CB 2OP A 1 -11.76 -10.14 13.83
OHN 2OP A 1 -11.50 -8.33 12.27
CA 2OP A 1 -12.12 -8.70 13.50
HB1 2OP A 1 -11.51 -10.67 12.92
HB2 2OP A 1 -12.60 -10.63 14.30
HB3 2OP A 1 -10.91 -10.16 14.50
H 2OP A 1 -10.94 -7.56 12.43
HA 2OP A 1 -13.19 -8.63 13.38
N ALA A 2 -12.09 -8.01 15.82
CA ALA A 2 -11.67 -7.25 16.99
C ALA A 2 -12.10 -5.78 16.92
N DHA A 3 -13.29 -5.50 17.44
CA DHA A 3 -13.69 -4.19 17.52
CB DHA A 3 -13.52 -3.54 18.66
C DHA A 3 -14.33 -3.47 16.33
O DHA A 3 -15.42 -3.84 15.87
H DHA A 3 -13.83 -6.26 17.73
HB1 DHA A 3 -13.07 -4.03 19.52
HB2 DHA A 3 -14.28 -2.85 19.02
N ILE A 4 -13.64 -2.46 15.84
CA ILE A 4 -14.17 -1.60 14.78
C ILE A 4 -13.46 -1.87 13.45
N VAL A 5 -14.19 -1.74 12.36
CA VAL A 5 -13.60 -1.92 11.04
C VAL A 5 -13.10 -0.58 10.49
N LYS A 6 -11.78 -0.40 10.53
CA LYS A 6 -11.16 0.81 10.00
C LYS A 6 -9.90 0.48 9.22
N DBU A 7 -9.62 1.26 8.19
CA DBU A 7 -8.46 1.09 7.50
CB DBU A 7 -7.52 2.04 7.55
CG DBU A 7 -7.78 3.27 8.36
C DBU A 7 -8.19 -0.17 6.68
O DBU A 7 -7.13 -0.32 6.07
H DBU A 7 -10.31 1.94 7.97
HB DBU A 7 -6.60 1.92 6.99
HG1 DBU A 7 -8.17 2.99 9.32
HG2 DBU A 7 -8.49 3.90 7.85
HG3 DBU A 7 -6.86 3.81 8.50
N DBU A 8 -9.17 -1.06 6.67
CA DBU A 8 -8.97 -2.30 6.10
CB DBU A 8 -9.40 -2.56 4.86
CG DBU A 8 -10.12 -1.50 4.09
C DBU A 8 -8.25 -3.37 6.92
O DBU A 8 -7.03 -3.37 7.03
H DBU A 8 -10.01 -0.79 7.08
HB DBU A 8 -9.29 -3.56 4.45
HG1 DBU A 8 -11.11 -1.37 4.47
HG2 DBU A 8 -10.16 -1.79 3.04
HG3 DBU A 8 -9.59 -0.57 4.18
N ILE A 9 -9.02 -4.27 7.50
CA ILE A 9 -8.47 -5.30 8.37
C ILE A 9 -7.69 -6.32 7.56
N LYS A 10 -6.38 -6.13 7.53
CA LYS A 10 -5.48 -7.02 6.83
C LYS A 10 -4.18 -7.13 7.60
N ALA A 11 -3.32 -8.03 7.15
CA ALA A 11 -2.00 -8.16 7.73
C ALA A 11 -1.11 -7.00 7.30
N DAL A 12 -0.18 -6.62 8.16
CA DAL A 12 0.77 -5.55 7.86
CB DAL A 12 1.57 -5.86 6.60
C DAL A 12 1.70 -5.32 9.04
O DAL A 12 1.89 -4.19 9.49
H DAL A 12 -0.12 -7.08 9.03
HA DAL A 12 0.18 -4.65 7.69
HB1 DAL A 12 0.89 -6.00 5.78
HB2 DAL A 12 2.11 -6.78 6.75
N LYS A 13 2.25 -6.42 9.56
CA LYS A 13 3.23 -6.35 10.63
C LYS A 13 4.43 -7.22 10.30
N LYS A 14 4.15 -8.47 9.94
CA LYS A 14 5.20 -9.44 9.64
C LYS A 14 5.46 -9.47 8.14
N LEU A 15 6.71 -9.16 7.77
CA LEU A 15 7.13 -9.16 6.36
C LEU A 15 6.33 -8.17 5.54
N CYS A 16 5.86 -7.12 6.20
CA CYS A 16 5.03 -6.12 5.57
C CYS A 16 5.86 -5.24 4.65
N ARG A 17 5.31 -4.92 3.48
CA ARG A 17 6.02 -4.09 2.52
C ARG A 17 5.65 -2.64 2.70
N GLY A 18 4.86 -2.38 3.73
CA GLY A 18 4.42 -1.04 4.05
C GLY A 18 3.47 -0.47 3.02
N PHE A 19 2.86 -1.34 2.23
CA PHE A 19 1.96 -0.90 1.18
C PHE A 19 0.52 -1.15 1.61
N DBB A 20 -0.30 -0.12 1.51
CA DBB A 20 -1.69 -0.19 1.92
C DBB A 20 -1.82 0.34 3.34
O DBB A 20 -2.79 0.06 4.05
CB DBB A 20 -2.60 0.60 0.94
CG DBB A 20 -3.21 -0.38 -0.05
H DBB A 20 0.05 0.74 1.15
HA DBB A 20 -1.99 -1.23 1.90
HB2 DBB A 20 -1.94 1.26 0.39
HG1 DBB A 20 -3.86 0.15 -0.73
HG2 DBB A 20 -3.78 -1.13 0.48
HG3 DBB A 20 -2.43 -0.86 -0.61
N LEU A 21 -0.81 1.08 3.76
CA LEU A 21 -0.77 1.65 5.10
C LEU A 21 -1.19 3.12 5.04
N DBB A 22 -2.40 3.39 5.51
CA DBB A 22 -2.94 4.74 5.48
C DBB A 22 -3.24 5.15 4.04
O DBB A 22 -3.05 6.30 3.65
CB DBB A 22 -4.24 4.84 6.31
CG DBB A 22 -3.90 4.59 7.77
H DBB A 22 -2.95 2.67 5.88
HA DBB A 22 -2.21 5.42 5.90
HB2 DBB A 22 -4.87 4.03 5.97
HG1 DBB A 22 -3.20 5.34 8.11
HG2 DBB A 22 -3.45 3.62 7.88
HG3 DBB A 22 -4.80 4.66 8.36
N CYS A 23 -3.65 4.17 3.26
CA CYS A 23 -4.06 4.42 1.89
C CYS A 23 -5.57 4.55 1.85
N GLY A 24 -6.23 3.70 2.63
CA GLY A 24 -7.68 3.77 2.74
C GLY A 24 -8.12 4.36 4.07
N CYS A 25 -7.56 5.51 4.41
CA CYS A 25 -7.91 6.20 5.64
C CYS A 25 -8.19 7.67 5.37
N HIS A 26 -8.74 8.37 6.37
CA HIS A 26 -9.15 9.76 6.22
C HIS A 26 -10.23 9.90 5.16
N PHE A 27 -11.44 9.45 5.52
CA PHE A 27 -12.59 9.40 4.60
C PHE A 27 -12.39 8.28 3.58
N DBU A 28 -13.50 7.80 3.05
CA DBU A 28 -13.43 6.66 2.27
CB DBU A 28 -13.33 6.74 0.94
CG DBU A 28 -13.28 8.10 0.29
C DBU A 28 -13.51 5.30 2.94
O DBU A 28 -12.62 4.47 2.79
H DBU A 28 -14.33 8.28 3.23
HB DBU A 28 -13.35 5.85 0.34
HG1 DBU A 28 -13.10 8.85 1.03
HG2 DBU A 28 -14.22 8.29 -0.22
HG3 DBU A 28 -12.47 8.12 -0.42
N GLY A 29 -14.57 5.09 3.70
CA GLY A 29 -14.71 3.87 4.46
C GLY A 29 -15.18 2.71 3.60
N LYS A 30 -15.90 3.03 2.54
CA LYS A 30 -16.37 2.01 1.62
C LYS A 30 -16.29 2.51 0.19
N LYS A 31 -15.93 1.61 -0.72
CA LYS A 31 -15.76 1.94 -2.12
C LYS A 31 -15.94 0.69 -2.97
C 2OP A 1 26.51 7.03 -7.04
O 2OP A 1 26.28 7.03 -5.83
CB 2OP A 1 28.43 8.52 -7.67
OHN 2OP A 1 27.98 6.46 -8.88
CA 2OP A 1 27.94 7.08 -7.58
HB1 2OP A 1 29.49 8.53 -7.87
HB2 2OP A 1 28.22 9.02 -6.74
HB3 2OP A 1 27.90 9.02 -8.48
H 2OP A 1 27.94 5.51 -8.78
HA 2OP A 1 28.59 6.54 -6.91
N ALA A 2 25.57 6.96 -7.97
CA ALA A 2 24.16 6.89 -7.62
C ALA A 2 23.57 5.53 -7.99
N DHA A 3 22.40 5.22 -7.47
CA DHA A 3 21.83 4.02 -7.74
CB DHA A 3 21.15 3.84 -8.89
C DHA A 3 21.96 2.86 -6.78
O DHA A 3 22.57 1.83 -7.08
H DHA A 3 21.98 5.90 -6.88
HB1 DHA A 3 21.05 4.67 -9.59
HB2 DHA A 3 21.22 2.92 -9.43
N ILE A 4 21.39 3.05 -5.58
CA ILE A 4 21.43 2.02 -4.54
C ILE A 4 20.21 1.12 -4.62
N VAL A 5 20.42 -0.12 -5.04
CA VAL A 5 19.34 -1.07 -5.17
C VAL A 5 19.50 -2.22 -4.17
N LYS A 6 18.73 -2.18 -3.11
CA LYS A 6 18.83 -3.16 -2.04
C LYS A 6 17.64 -4.13 -2.11
N DBU A 7 17.87 -5.38 -1.75
CA DBU A 7 16.85 -6.29 -1.77
CB DBU A 7 16.17 -6.57 -0.64
CG DBU A 7 16.54 -5.86 0.63
C DBU A 7 16.46 -7.01 -3.06
O DBU A 7 16.42 -8.24 -3.11
H DBU A 7 18.80 -5.61 -1.52
HB DBU A 7 15.35 -7.26 -0.67
HG1 DBU A 7 17.27 -6.45 1.17
HG2 DBU A 7 15.66 -5.72 1.24
HG3 DBU A 7 16.97 -4.91 0.40
N DBU A 8 16.19 -6.22 -4.09
CA DBU A 8 15.86 -6.78 -5.29
CB DBU A 8 16.77 -6.86 -6.26
CG DBU A 8 18.14 -6.33 -6.03
C DBU A 8 14.45 -7.31 -5.54
O DBU A 8 13.74 -6.87 -6.44
H DBU A 8 16.24 -5.26 -3.93
HB DBU A 8 16.48 -7.24 -7.23
HG1 DBU A 8 18.56 -6.78 -5.14
HG2 DBU A 8 18.10 -5.26 -5.89
HG3 DBU A 8 18.78 -6.57 -6.86
N ILE A 9 14.04 -8.27 -4.70
CA ILE A 9 12.72 -8.88 -4.85
C ILE A 9 11.65 -7.98 -4.22
N LYS A 10 11.00 -7.19 -5.06
CA LYS A 10 9.95 -6.30 -4.60
C LYS A 10 8.59 -6.95 -4.77
N ALA A 11 8.14 -7.63 -3.75
CA ALA A 11 6.84 -8.28 -3.77
C ALA A 11 5.76 -7.28 -3.34
N DAL A 12 5.11 -6.68 -4.34
CA DAL A 12 4.09 -5.68 -4.07
CB DAL A 12 2.86 -6.33 -3.43
C DAL A 12 3.69 -4.97 -5.36
O DAL A 12 4.03 -3.81 -5.56
H DAL A 12 5.34 -6.90 -5.26
HA DAL A 12 4.49 -4.96 -3.39
HB1 DAL A 12 3.14 -6.77 -2.48
HB2 DAL A 12 2.50 -7.13 -4.08
N LYS A 13 2.99 -5.69 -6.24
CA LYS A 13 2.47 -5.08 -7.46
C LYS A 13 1.25 -4.22 -7.12
N LYS A 14 0.31 -4.82 -6.40
CA LYS A 14 -0.90 -4.13 -5.98
C LYS A 14 -1.67 -5.03 -5.01
N LEU A 15 -2.49 -4.41 -4.15
CA LEU A 15 -3.32 -5.16 -3.19
C LEU A 15 -2.42 -5.89 -2.19
N CYS A 16 -1.25 -5.34 -1.95
CA CYS A 16 -0.24 -5.98 -1.11
C CYS A 16 -0.58 -5.86 0.36
N ARG A 17 0.07 -6.71 1.17
CA ARG A 17 -0.11 -6.69 2.60
C ARG A 17 1.11 -6.05 3.24
N GLY A 18 0.86 -4.99 3.98
CA GLY A 18 1.93 -4.21 4.55
C GLY A 18 2.10 -2.90 3.80
N PHE A 19 1.73 -2.93 2.53
CA PHE A 19 1.73 -1.74 1.70
C PHE A 19 0.31 -1.23 1.56
N DBB A 20 0.12 0.05 1.74
CA DBB A 20 -1.23 0.62 1.79
C DBB A 20 -1.60 0.90 3.24
O DBB A 20 -2.78 0.88 3.61
CB DBB A 20 -1.39 1.92 0.99
CG DBB A 20 -0.08 2.24 0.27
H DBB A 20 0.90 0.65 1.81
HA DBB A 20 -1.91 -0.12 1.40
HB2 DBB A 20 -1.58 2.72 1.70
HG1 DBB A 20 0.69 2.43 0.99
HG2 DBB A 20 -0.23 3.12 -0.35
HG3 DBB A 20 0.19 1.40 -0.36
N LEU A 21 -0.59 1.17 4.07
CA LEU A 21 -0.81 1.57 5.44
C LEU A 21 -1.37 2.99 5.47
N DBB A 22 -2.65 3.08 5.23
CA DBB A 22 -3.32 4.37 5.08
C DBB A 22 -3.68 4.59 3.63
O DBB A 22 -3.84 5.73 3.19
CB DBB A 22 -4.59 4.48 5.93
CG DBB A 22 -4.70 3.27 6.85
H DBB A 22 -3.18 2.26 5.12
HA DBB A 22 -2.63 5.14 5.38
HB2 DBB A 22 -5.42 4.44 5.24
HG1 DBB A 22 -3.82 3.22 7.48
HG2 DBB A 22 -4.78 2.37 6.25
HG3 DBB A 22 -5.58 3.36 7.47
N CYS A 23 -3.80 3.51 2.87
CA CYS A 23 -4.35 3.56 1.52
C CYS A 23 -5.78 4.08 1.58
N GLY A 24 -6.48 3.67 2.63
CA GLY A 24 -7.77 4.24 2.92
C GLY A 24 -7.63 5.53 3.72
N CYS A 25 -7.54 5.39 5.04
CA CYS A 25 -7.34 6.53 5.94
C CYS A 25 -8.30 7.68 5.67
N HIS A 26 -9.51 7.53 6.16
CA HIS A 26 -10.54 8.55 6.01
C HIS A 26 -11.57 8.42 7.13
N PHE A 27 -11.24 8.98 8.29
CA PHE A 27 -12.15 8.97 9.41
C PHE A 27 -13.17 10.10 9.28
N DBU A 28 -14.16 10.11 10.16
CA DBU A 28 -15.09 11.12 10.11
CB DBU A 28 -16.35 10.85 9.72
CG DBU A 28 -16.72 9.44 9.36
C DBU A 28 -14.69 12.54 10.47
O DBU A 28 -14.81 12.96 11.63
H DBU A 28 -14.19 9.39 10.83
HB DBU A 28 -17.09 11.64 9.73
HG1 DBU A 28 -17.72 9.42 8.97
HG2 DBU A 28 -16.66 8.82 10.24
HG3 DBU A 28 -16.03 9.08 8.61
N GLY A 29 -14.21 13.28 9.47
CA GLY A 29 -13.84 14.67 9.68
C GLY A 29 -15.04 15.53 9.96
N LYS A 30 -15.35 15.69 11.24
CA LYS A 30 -16.50 16.48 11.66
C LYS A 30 -16.02 17.75 12.33
N LYS A 31 -14.71 17.87 12.43
CA LYS A 31 -14.06 19.02 13.06
C LYS A 31 -12.66 19.19 12.51
C 2OP A 1 20.30 -30.96 -0.33
O 2OP A 1 20.29 -32.17 -0.08
CB 2OP A 1 20.79 -29.48 1.62
OHN 2OP A 1 21.64 -28.98 -0.57
CA 2OP A 1 21.32 -30.05 0.33
HB1 2OP A 1 20.08 -28.69 1.41
HB2 2OP A 1 21.60 -29.09 2.21
HB3 2OP A 1 20.28 -30.26 2.19
H 2OP A 1 20.95 -28.30 -0.52
HA 2OP A 1 22.22 -30.61 0.54
N ALA A 2 19.46 -30.38 -1.17
CA ALA A 2 18.45 -31.13 -1.88
C ALA A 2 17.89 -30.30 -3.02
N DHA A 3 17.18 -30.94 -3.94
CA DHA A 3 16.59 -30.24 -4.94
CB DHA A 3 17.04 -30.35 -6.21
C DHA A 3 15.42 -29.32 -4.63
O DHA A 3 15.58 -28.10 -4.49
H DHA A 3 17.11 -31.93 -3.84
HB1 DHA A 3 17.87 -31.00 -6.42
HB2 DHA A 3 16.35 -30.38 -7.02
N ILE A 4 14.24 -29.90 -4.53
CA ILE A 4 13.06 -29.16 -4.14
C ILE A 4 12.58 -29.60 -2.76
N VAL A 5 13.18 -29.01 -1.74
CA VAL A 5 12.75 -29.27 -0.37
C VAL A 5 11.91 -28.10 0.12
N LYS A 6 10.62 -28.37 0.34
CA LYS A 6 9.64 -27.32 0.61
C LYS A 6 9.53 -26.41 -0.62
N DBU A 7 8.76 -25.33 -0.49
CA DBU A 7 8.71 -24.43 -1.51
CB DBU A 7 7.61 -24.34 -2.28
CG DBU A 7 6.46 -25.25 -2.01
C DBU A 7 9.89 -23.51 -1.78
O DBU A 7 10.23 -23.23 -2.92
H DBU A 7 8.26 -25.24 0.35
HB DBU A 7 7.53 -23.54 -3.01
HG1 DBU A 7 5.93 -24.92 -1.14
HG2 DBU A 7 6.84 -26.26 -1.84
HG3 DBU A 7 5.79 -25.25 -2.85
N DBU A 8 10.53 -23.07 -0.71
CA DBU A 8 11.59 -22.20 -0.83
CB DBU A 8 12.80 -22.53 -0.37
CG DBU A 8 12.98 -23.87 0.29
C DBU A 8 11.40 -20.84 -1.48
O DBU A 8 12.35 -20.22 -1.96
H DBU A 8 10.21 -23.39 0.16
HB DBU A 8 13.62 -21.84 -0.44
HG1 DBU A 8 14.03 -24.01 0.54
HG2 DBU A 8 12.67 -24.65 -0.39
HG3 DBU A 8 12.39 -23.92 1.19
N ILE A 9 10.15 -20.39 -1.52
CA ILE A 9 9.82 -19.10 -2.09
C ILE A 9 9.67 -18.06 -1.00
N LYS A 10 10.73 -17.30 -0.78
CA LYS A 10 10.71 -16.25 0.22
C LYS A 10 10.13 -14.98 -0.38
N ALA A 11 8.82 -14.82 -0.25
CA ALA A 11 8.11 -13.71 -0.85
C ALA A 11 8.11 -12.51 0.09
N DAL A 12 7.91 -11.35 -0.48
CA DAL A 12 7.93 -10.12 0.27
CB DAL A 12 6.57 -9.42 0.18
C DAL A 12 9.04 -9.20 -0.24
O DAL A 12 9.59 -8.38 0.49
H DAL A 12 7.74 -11.31 -1.44
HA DAL A 12 8.15 -10.36 1.31
HB1 DAL A 12 5.80 -10.17 0.29
HB2 DAL A 12 6.48 -8.97 -0.79
N LYS A 13 9.38 -9.39 -1.52
CA LYS A 13 10.40 -8.60 -2.18
C LYS A 13 9.80 -7.26 -2.59
N LYS A 14 8.49 -7.27 -2.78
CA LYS A 14 7.74 -6.07 -3.07
C LYS A 14 7.37 -5.40 -1.74
N LEU A 15 6.74 -4.23 -1.80
CA LEU A 15 6.36 -3.53 -0.58
C LEU A 15 5.17 -4.21 0.09
N CYS A 16 5.44 -5.32 0.75
CA CYS A 16 4.42 -6.09 1.44
C CYS A 16 4.53 -5.88 2.95
N ARG A 17 5.43 -4.99 3.33
CA ARG A 17 5.74 -4.74 4.74
C ARG A 17 4.87 -3.62 5.29
N GLY A 18 3.77 -3.38 4.60
CA GLY A 18 2.87 -2.32 4.98
C GLY A 18 2.13 -1.81 3.78
N PHE A 19 1.54 -2.73 3.05
CA PHE A 19 0.86 -2.41 1.81
C PHE A 19 -0.51 -1.84 2.10
N DBB A 20 -0.69 -0.57 1.76
CA DBB A 20 -1.95 0.12 1.99
C DBB A 20 -1.94 0.79 3.37
O DBB A 20 -2.99 1.02 3.96
CB DBB A 20 -2.21 1.18 0.91
CG DBB A 20 -2.03 0.53 -0.47
H DBB A 20 0.06 -0.07 1.36
HA DBB A 20 -2.74 -0.62 1.96
HB2 DBB A 20 -1.45 1.94 1.03
HG1 DBB A 20 -1.03 0.13 -0.53
HG2 DBB A 20 -2.17 1.27 -1.23
HG3 DBB A 20 -2.75 -0.26 -0.59
N LEU A 21 -0.75 1.08 3.85
CA LEU A 21 -0.59 1.69 5.17
C LEU A 21 -1.04 3.16 5.15
N DBB A 22 -2.33 3.36 5.37
CA DBB A 22 -2.90 4.69 5.44
C DBB A 22 -3.29 5.20 4.05
O DBB A 22 -3.25 6.40 3.78
CB DBB A 22 -4.13 4.73 6.37
CG DBB A 22 -3.69 4.40 7.79
H DBB A 22 -2.92 2.58 5.47
HA DBB A 22 -2.16 5.35 5.84
HB2 DBB A 22 -4.80 3.94 6.03
HG1 DBB A 22 -2.99 5.14 8.13
HG2 DBB A 22 -3.21 3.42 7.79
HG3 DBB A 22 -4.54 4.37 8.44
N CYS A 23 -3.63 4.28 3.16
CA CYS A 23 -4.09 4.66 1.83
C CYS A 23 -5.60 4.64 1.76
N GLY A 24 -6.21 3.83 2.60
CA GLY A 24 -7.66 3.74 2.64
C GLY A 24 -8.23 4.52 3.79
N CYS A 25 -7.36 5.11 4.60
CA CYS A 25 -7.79 5.90 5.74
C CYS A 25 -8.08 7.32 5.34
N HIS A 26 -9.34 7.60 5.05
CA HIS A 26 -9.75 8.94 4.68
C HIS A 26 -10.07 9.74 5.94
N PHE A 27 -10.51 9.04 6.97
CA PHE A 27 -10.80 9.66 8.25
C PHE A 27 -9.54 9.73 9.10
N DBU A 28 -9.31 10.90 9.70
CA DBU A 28 -8.23 11.02 10.53
CB DBU A 28 -7.22 11.85 10.20
CG DBU A 28 -7.28 12.63 8.93
C DBU A 28 -8.17 10.23 11.82
O DBU A 28 -7.12 9.71 12.21
H DBU A 28 -9.95 11.62 9.53
HB DBU A 28 -6.40 12.00 10.90
HG1 DBU A 28 -7.16 11.97 8.09
HG2 DBU A 28 -6.51 13.38 8.91
HG3 DBU A 28 -8.25 13.11 8.85
N GLY A 29 -9.30 10.14 12.49
CA GLY A 29 -9.40 9.38 13.72
C GLY A 29 -10.83 9.27 14.18
N LYS A 30 -11.16 10.00 15.23
CA LYS A 30 -12.54 10.05 15.73
C LYS A 30 -13.02 11.50 15.69
N LYS A 31 -12.24 12.36 16.31
CA LYS A 31 -12.48 13.79 16.34
C LYS A 31 -11.15 14.50 16.56
C 2OP A 1 0.07 3.62 -20.23
O 2OP A 1 -0.35 3.62 -19.08
CB 2OP A 1 2.35 4.29 -21.02
OHN 2OP A 1 0.94 5.79 -19.75
CA 2OP A 1 0.93 4.76 -20.74
HB1 2OP A 1 3.03 4.78 -20.33
HB2 2OP A 1 2.62 4.53 -22.04
HB3 2OP A 1 2.41 3.22 -20.88
H 2OP A 1 0.57 5.43 -18.93
HA 2OP A 1 0.51 5.15 -21.65
N ALA A 2 -0.21 2.65 -21.09
CA ALA A 2 -1.05 1.53 -20.72
C ALA A 2 -0.23 0.49 -19.97
N DHA A 3 -0.73 0.08 -18.80
CA DHA A 3 -0.06 -0.88 -18.08
CB DHA A 3 -0.58 -2.10 -17.99
C DHA A 3 1.25 -0.55 -17.38
O DHA A 3 2.21 -1.31 -17.45
H DHA A 3 -1.57 0.49 -18.52
HB1 DHA A 3 -1.50 -2.35 -18.48
HB2 DHA A 3 -0.51 -2.64 -17.05
N ILE A 4 1.28 0.59 -16.72
CA ILE A 4 2.46 1.03 -15.98
C ILE A 4 2.40 0.51 -14.55
N VAL A 5 3.54 0.06 -14.05
CA VAL A 5 3.61 -0.40 -12.67
C VAL A 5 4.12 0.72 -11.76
N LYS A 6 3.29 1.07 -10.77
CA LYS A 6 3.63 2.15 -9.86
C LYS A 6 4.45 1.63 -8.69
N DBU A 7 4.66 0.32 -8.70
CA DBU A 7 5.46 -0.25 -7.73
CB DBU A 7 4.92 -1.04 -6.81
CG DBU A 7 3.44 -1.29 -6.83
C DBU A 7 6.96 -0.01 -7.74
O DBU A 7 7.62 -0.07 -6.70
H DBU A 7 4.22 -0.18 -9.41
HB DBU A 7 5.56 -1.55 -6.11
HG1 DBU A 7 2.93 -0.44 -6.40
HG2 DBU A 7 3.22 -2.18 -6.24
HG3 DBU A 7 3.10 -1.43 -7.84
N DBU A 8 7.48 0.28 -8.93
CA DBU A 8 8.83 0.48 -9.04
CB DBU A 8 9.32 1.72 -9.24
CG DBU A 8 8.37 2.87 -9.33
C DBU A 8 9.79 -0.69 -8.95
O DBU A 8 9.79 -1.57 -9.80
H DBU A 8 6.88 0.33 -9.68
HB DBU A 8 10.39 1.87 -9.25
HG1 DBU A 8 7.40 2.57 -8.97
HG2 DBU A 8 8.28 3.18 -10.37
HG3 DBU A 8 8.73 3.69 -8.74
N ILE A 9 10.57 -0.72 -7.89
CA ILE A 9 11.59 -1.75 -7.70
C ILE A 9 10.99 -2.95 -6.97
N LYS A 10 9.89 -3.45 -7.52
CA LYS A 10 9.18 -4.62 -6.98
C LYS A 10 8.59 -4.36 -5.59
N ALA A 11 7.27 -4.38 -5.53
CA ALA A 11 6.56 -4.13 -4.28
C ALA A 11 6.73 -5.32 -3.34
N DAL A 12 6.46 -5.08 -2.07
CA DAL A 12 6.61 -6.11 -1.05
CB DAL A 12 5.32 -6.20 -0.23
C DAL A 12 7.79 -5.77 -0.13
O DAL A 12 8.01 -6.41 0.89
H DAL A 12 6.14 -4.20 -1.81
HA DAL A 12 6.80 -7.05 -1.53
HB1 DAL A 12 5.54 -6.59 0.75
HB2 DAL A 12 4.65 -6.89 -0.72
N LYS A 13 8.55 -4.75 -0.52
CA LYS A 13 9.64 -4.26 0.30
C LYS A 13 9.45 -2.78 0.63
N LYS A 14 9.71 -1.94 -0.37
CA LYS A 14 9.63 -0.48 -0.19
C LYS A 14 8.20 -0.05 0.11
N LEU A 15 8.00 0.50 1.31
CA LEU A 15 6.69 1.00 1.77
C LEU A 15 5.62 -0.10 1.71
N CYS A 16 6.06 -1.35 1.76
CA CYS A 16 5.14 -2.47 1.63
C CYS A 16 4.94 -3.18 2.96
N ARG A 17 5.39 -2.56 4.03
CA ARG A 17 5.13 -3.10 5.35
C ARG A 17 3.76 -2.66 5.82
N GLY A 18 2.74 -3.29 5.23
CA GLY A 18 1.38 -2.88 5.47
C GLY A 18 0.73 -2.41 4.18
N PHE A 19 0.08 -3.32 3.48
CA PHE A 19 -0.56 -3.01 2.21
C PHE A 19 -1.67 -2.00 2.41
N DBB A 20 -1.46 -0.79 1.94
CA DBB A 20 -2.45 0.26 2.05
C DBB A 20 -2.28 1.04 3.36
O DBB A 20 -3.23 1.65 3.86
CB DBB A 20 -2.40 1.25 0.88
CG DBB A 20 -2.20 0.45 -0.42
H DBB A 20 -0.60 -0.59 1.49
HA DBB A 20 -3.42 -0.21 2.06
HB2 DBB A 20 -1.54 1.88 1.03
HG1 DBB A 20 -3.04 -0.20 -0.58
HG2 DBB A 20 -1.29 -0.12 -0.35
HG3 DBB A 20 -2.12 1.15 -1.24
N LEU A 21 -1.07 1.00 3.90
CA LEU A 21 -0.77 1.72 5.13
C LEU A 21 -1.04 3.21 4.95
N DBB A 22 -2.15 3.66 5.50
CA DBB A 22 -2.52 5.07 5.47
C DBB A 22 -2.93 5.51 4.05
O DBB A 22 -2.76 6.67 3.69
CB DBB A 22 -3.65 5.35 6.47
CG DBB A 22 -3.05 6.06 7.68
H DBB A 22 -2.72 3.03 5.98
HA DBB A 22 -1.65 5.64 5.77
HB2 DBB A 22 -4.01 4.38 6.81
HG1 DBB A 22 -2.33 5.41 8.16
HG2 DBB A 22 -3.83 6.31 8.38
HG3 DBB A 22 -2.54 6.96 7.36
N CYS A 23 -3.41 4.56 3.25
CA CYS A 23 -3.89 4.91 1.90
C CYS A 23 -5.41 4.81 1.85
N GLY A 24 -5.94 3.71 2.38
CA GLY A 24 -7.38 3.54 2.45
C GLY A 24 -7.91 3.92 3.80
N CYS A 25 -7.45 5.05 4.31
CA CYS A 25 -7.77 5.48 5.65
C CYS A 25 -8.32 6.90 5.64
N HIS A 26 -8.91 7.31 6.75
CA HIS A 26 -9.41 8.67 6.88
C HIS A 26 -8.72 9.36 8.05
N PHE A 27 -7.98 8.59 8.83
CA PHE A 27 -7.29 9.11 10.00
C PHE A 27 -5.80 9.29 9.73
N DBU A 28 -5.35 10.53 9.83
CA DBU A 28 -4.01 10.79 9.63
CB DBU A 28 -3.20 10.97 10.68
CG DBU A 28 -3.75 10.89 12.06
C DBU A 28 -3.42 10.87 8.21
O DBU A 28 -2.98 11.93 7.79
H DBU A 28 -6.00 11.23 10.05
HB DBU A 28 -2.14 11.16 10.51
HG1 DBU A 28 -3.28 10.09 12.61
HG2 DBU A 28 -4.81 10.70 12.01
HG3 DBU A 28 -3.57 11.82 12.58
N GLY A 29 -3.44 9.76 7.50
CA GLY A 29 -2.81 9.71 6.19
C GLY A 29 -1.31 9.58 6.29
N LYS A 30 -0.87 8.83 7.29
CA LYS A 30 0.54 8.64 7.56
C LYS A 30 1.09 7.44 6.79
N LYS A 31 2.35 7.53 6.39
CA LYS A 31 3.05 6.39 5.80
C LYS A 31 4.07 5.87 6.81
C 2OP A 1 17.77 -13.63 -15.17
O 2OP A 1 16.95 -14.55 -15.23
CB 2OP A 1 16.70 -11.41 -15.63
OHN 2OP A 1 17.27 -12.93 -17.42
CA 2OP A 1 17.68 -12.46 -16.12
HB1 2OP A 1 15.98 -11.20 -16.39
HB2 2OP A 1 17.22 -10.52 -15.37
HB3 2OP A 1 16.18 -11.80 -14.75
H 2OP A 1 16.93 -13.83 -17.32
HA 2OP A 1 18.66 -12.00 -16.22
N ALA A 2 18.76 -13.60 -14.29
CA ALA A 2 18.97 -14.69 -13.33
C ALA A 2 18.09 -14.49 -12.10
N DHA A 3 16.84 -14.12 -12.32
CA DHA A 3 16.00 -13.89 -11.27
CB DHA A 3 15.07 -14.80 -10.96
C DHA A 3 16.10 -12.61 -10.45
O DHA A 3 15.65 -11.55 -10.88
H DHA A 3 16.57 -14.02 -13.26
HB1 DHA A 3 14.98 -15.70 -11.53
HB2 DHA A 3 14.08 -14.48 -10.64
N ILE A 4 16.71 -12.72 -9.28
CA ILE A 4 16.85 -11.56 -8.41
C ILE A 4 18.25 -10.99 -8.50
N VAL A 5 18.40 -9.91 -9.25
CA VAL A 5 19.69 -9.24 -9.39
C VAL A 5 19.62 -7.83 -8.81
N LYS A 6 18.50 -7.54 -8.16
CA LYS A 6 18.23 -6.24 -7.55
C LYS A 6 16.80 -6.21 -7.00
N DBU A 7 16.62 -6.77 -5.80
CA DBU A 7 15.35 -6.79 -5.24
CB DBU A 7 15.11 -6.09 -4.12
CG DBU A 7 16.22 -5.29 -3.50
C DBU A 7 14.21 -7.59 -5.88
O DBU A 7 13.72 -8.55 -5.28
H DBU A 7 17.41 -7.13 -5.36
HB DBU A 7 14.12 -6.10 -3.69
HG1 DBU A 7 17.17 -5.64 -3.87
HG2 DBU A 7 16.19 -5.42 -2.42
HG3 DBU A 7 16.10 -4.25 -3.74
N DBU A 8 13.82 -7.19 -7.07
CA DBU A 8 12.79 -7.80 -7.70
CB DBU A 8 13.01 -8.78 -8.60
CG DBU A 8 14.42 -9.19 -8.88
C DBU A 8 11.37 -7.37 -7.40
O DBU A 8 11.03 -6.20 -7.55
H DBU A 8 14.31 -6.44 -7.46
HB DBU A 8 12.18 -9.22 -9.13
HG1 DBU A 8 15.01 -9.07 -8.00
HG2 DBU A 8 14.81 -8.56 -9.67
HG3 DBU A 8 14.45 -10.22 -9.18
N ILE A 9 10.55 -8.30 -6.95
CA ILE A 9 9.17 -8.03 -6.63
C ILE A 9 8.90 -8.29 -5.16
N LYS A 10 8.74 -7.22 -4.39
CA LYS A 10 8.43 -7.34 -2.98
C LYS A 10 6.95 -7.60 -2.76
N ALA A 11 6.57 -8.85 -2.90
CA ALA A 11 5.19 -9.25 -2.65
C ALA A 11 4.98 -9.49 -1.16
N DAL A 12 4.86 -8.40 -0.43
CA DAL A 12 4.69 -8.42 1.01
CB DAL A 12 3.41 -9.14 1.40
C DAL A 12 4.67 -6.98 1.48
O DAL A 12 4.28 -6.08 0.74
H DAL A 12 4.92 -7.52 -0.86
HA DAL A 12 5.54 -8.92 1.43
HB1 DAL A 12 3.37 -10.10 0.90
HB2 DAL A 12 2.56 -8.55 1.12
N LYS A 13 5.13 -6.79 2.69
CA LYS A 13 5.16 -5.47 3.34
C LYS A 13 5.50 -5.65 4.81
N LYS A 14 4.52 -6.14 5.55
CA LYS A 14 4.69 -6.49 6.96
C LYS A 14 3.76 -7.65 7.30
N LEU A 15 2.47 -7.36 7.39
CA LEU A 15 1.47 -8.39 7.63
C LEU A 15 0.96 -8.95 6.31
N CYS A 16 1.17 -8.17 5.24
CA CYS A 16 0.75 -8.55 3.90
C CYS A 16 -0.77 -8.76 3.82
N ARG A 17 -1.23 -9.48 2.78
CA ARG A 17 -2.65 -9.67 2.50
C ARG A 17 -3.24 -8.39 1.90
N GLY A 18 -2.36 -7.51 1.49
CA GLY A 18 -2.78 -6.24 0.94
C GLY A 18 -2.02 -5.08 1.55
N PHE A 19 -1.93 -4.00 0.81
CA PHE A 19 -1.31 -2.79 1.33
C PHE A 19 -2.27 -1.62 1.18
N DBB A 20 -2.23 -0.71 2.14
CA DBB A 20 -3.10 0.47 2.11
C DBB A 20 -2.97 1.26 3.41
O DBB A 20 -3.91 1.96 3.81
CB DBB A 20 -2.77 1.38 0.92
CG DBB A 20 -4.07 1.65 0.16
H DBB A 20 -1.63 -0.84 2.89
HA DBB A 20 -4.12 0.12 2.01
HB2 DBB A 20 -2.13 0.80 0.26
HG1 DBB A 20 -3.85 2.11 -0.79
HG2 DBB A 20 -4.70 2.31 0.74
HG3 DBB A 20 -4.60 0.72 -0.01
N LEU A 21 -1.82 1.17 4.04
CA LEU A 21 -1.59 1.85 5.31
C LEU A 21 -1.41 3.35 5.06
N DBB A 22 -2.43 4.12 5.42
CA DBB A 22 -2.40 5.57 5.22
C DBB A 22 -2.84 5.94 3.81
O DBB A 22 -2.98 7.11 3.48
CB DBB A 22 -3.29 6.27 6.25
CG DBB A 22 -2.61 7.58 6.67
H DBB A 22 -3.22 3.71 5.82
HA DBB A 22 -1.38 5.90 5.36
HB2 DBB A 22 -3.34 5.63 7.13
HG1 DBB A 22 -1.65 7.36 7.11
HG2 DBB A 22 -3.23 8.08 7.41
HG3 DBB A 22 -2.48 8.21 5.81
N CYS A 23 -3.02 4.92 2.97
CA CYS A 23 -3.53 5.12 1.63
C CYS A 23 -5.01 4.73 1.56
N GLY A 24 -5.37 3.73 2.36
CA GLY A 24 -6.75 3.31 2.45
C GLY A 24 -7.29 3.48 3.84
N CYS A 25 -6.80 4.53 4.50
CA CYS A 25 -7.21 4.83 5.86
C CYS A 25 -8.33 5.86 5.85
N HIS A 26 -9.21 5.78 6.85
CA HIS A 26 -10.35 6.68 6.91
C HIS A 26 -9.96 8.00 7.56
N PHE A 27 -9.48 8.93 6.76
CA PHE A 27 -9.12 10.25 7.26
C PHE A 27 -10.38 11.00 7.65
N DBU A 28 -10.30 11.77 8.72
CA DBU A 28 -11.44 12.34 9.23
CB DBU A 28 -11.81 13.59 8.89
CG DBU A 28 -10.95 14.39 7.95
C DBU A 28 -12.31 11.53 10.18
O DBU A 28 -13.51 11.36 9.98
H DBU A 28 -9.42 11.90 9.12
HB DBU A 28 -12.73 14.01 9.28
HG1 DBU A 28 -11.32 14.27 6.95
HG2 DBU A 28 -9.93 14.02 8.00
HG3 DBU A 28 -10.98 15.42 8.22
N GLY A 29 -11.66 11.04 11.22
CA GLY A 29 -12.32 10.19 12.19
C GLY A 29 -11.39 9.09 12.64
N LYS A 30 -11.83 7.85 12.52
CA LYS A 30 -10.99 6.71 12.85
C LYS A 30 -11.52 5.44 12.19
N LYS A 31 -12.82 5.24 12.27
CA LYS A 31 -13.45 4.08 11.66
C LYS A 31 -14.44 4.53 10.60
C 2OP A 1 19.92 2.88 -19.62
O 2OP A 1 21.12 2.62 -19.76
CB 2OP A 1 18.62 4.92 -18.93
OHN 2OP A 1 18.45 4.02 -21.17
CA 2OP A 1 19.36 4.22 -20.08
HB1 2OP A 1 19.34 5.31 -18.24
HB2 2OP A 1 18.00 4.20 -18.42
HB3 2OP A 1 18.01 5.72 -19.33
H 2OP A 1 18.84 3.37 -21.79
HA 2OP A 1 20.16 4.86 -20.40
N ALA A 2 19.04 2.03 -19.14
CA ALA A 2 19.44 0.69 -18.70
C ALA A 2 18.81 -0.35 -19.61
N DHA A 3 19.65 -1.11 -20.28
CA DHA A 3 19.19 -2.01 -21.21
CB DHA A 3 19.32 -1.74 -22.52
C DHA A 3 18.50 -3.31 -20.77
O DHA A 3 19.02 -4.41 -21.00
H DHA A 3 20.61 -1.01 -20.07
HB1 DHA A 3 19.79 -0.83 -22.83
HB2 DHA A 3 18.52 -1.99 -23.20
N ILE A 4 17.35 -3.17 -20.15
CA ILE A 4 16.57 -4.31 -19.67
C ILE A 4 15.08 -3.96 -19.79
N VAL A 5 14.25 -4.98 -19.98
CA VAL A 5 12.80 -4.78 -20.17
C VAL A 5 12.09 -4.33 -18.89
N LYS A 6 12.86 -3.77 -17.96
CA LYS A 6 12.34 -3.28 -16.67
C LYS A 6 11.55 -4.38 -15.94
N DBU A 7 10.55 -3.99 -15.16
CA DBU A 7 9.85 -4.90 -14.44
CB DBU A 7 10.14 -5.09 -13.14
CG DBU A 7 11.24 -4.29 -12.50
C DBU A 7 8.72 -5.72 -15.07
O DBU A 7 7.54 -5.41 -14.88
H DBU A 7 10.36 -3.02 -15.16
HB DBU A 7 9.58 -5.82 -12.58
HG1 DBU A 7 12.15 -4.86 -12.50
HG2 DBU A 7 10.96 -4.05 -11.49
HG3 DBU A 7 11.39 -3.38 -13.07
N DBU A 8 9.11 -6.73 -15.84
CA DBU A 8 8.16 -7.56 -16.39
CB DBU A 8 8.20 -7.84 -17.70
CG DBU A 8 9.27 -7.23 -18.54
C DBU A 8 7.07 -8.19 -15.54
O DBU A 8 7.34 -8.99 -14.64
H DBU A 8 10.06 -6.83 -16.00
HB DBU A 8 7.55 -8.62 -18.10
HG1 DBU A 8 9.64 -6.34 -18.06
HG2 DBU A 8 8.87 -6.99 -19.51
HG3 DBU A 8 10.09 -7.93 -18.64
N ILE A 9 5.84 -7.80 -15.85
CA ILE A 9 4.64 -8.26 -15.14
C ILE A 9 4.71 -7.93 -13.65
N LYS A 10 4.11 -6.81 -13.29
CA LYS A 10 4.08 -6.37 -11.90
C LYS A 10 2.65 -6.40 -11.40
N ALA A 11 1.82 -7.06 -12.16
CA ALA A 11 0.40 -7.12 -11.89
C ALA A 11 0.09 -8.19 -10.84
N DAL A 12 0.11 -7.79 -9.59
CA DAL A 12 -0.22 -8.67 -8.49
CB DAL A 12 -0.42 -7.83 -7.22
C DAL A 12 0.87 -9.71 -8.23
O DAL A 12 0.67 -10.66 -7.47
H DAL A 12 0.36 -6.85 -9.40
HA DAL A 12 -1.14 -9.17 -8.71
HB1 DAL A 12 -0.59 -8.49 -6.39
HB2 DAL A 12 -1.29 -7.20 -7.36
N LYS A 13 2.01 -9.53 -8.88
CA LYS A 13 3.14 -10.44 -8.69
C LYS A 13 4.35 -9.73 -8.08
N LYS A 14 4.46 -8.44 -8.34
CA LYS A 14 5.62 -7.68 -7.90
C LYS A 14 5.19 -6.37 -7.24
N LEU A 15 5.79 -6.09 -6.09
CA LEU A 15 5.57 -4.88 -5.33
C LEU A 15 4.12 -4.72 -4.88
N CYS A 16 3.38 -5.83 -4.87
CA CYS A 16 2.00 -5.79 -4.42
C CYS A 16 1.93 -5.90 -2.91
N ARG A 17 1.00 -5.15 -2.33
CA ARG A 17 0.72 -5.23 -0.89
C ARG A 17 1.90 -4.71 -0.07
N GLY A 18 2.78 -3.98 -0.74
CA GLY A 18 3.85 -3.29 -0.07
C GLY A 18 3.39 -1.92 0.37
N PHE A 19 2.31 -1.48 -0.23
CA PHE A 19 1.66 -0.24 0.14
C PHE A 19 0.18 -0.48 0.37
N DBB A 20 -0.31 -0.05 1.52
CA DBB A 20 -1.72 -0.23 1.88
C DBB A 20 -1.92 0.13 3.36
O DBB A 20 -2.79 -0.44 4.03
CB DBB A 20 -2.65 0.63 1.00
CG DBB A 20 -3.47 -0.31 0.11
H DBB A 20 0.29 0.40 2.14
HA DBB A 20 -1.96 -1.27 1.74
HB2 DBB A 20 -2.01 1.21 0.35
HG1 DBB A 20 -4.11 0.28 -0.54
HG2 DBB A 20 -4.08 -0.95 0.73
HG3 DBB A 20 -2.81 -0.91 -0.49
N LEU A 21 -1.12 1.05 3.84
CA LEU A 21 -1.24 1.55 5.20
C LEU A 21 -1.26 3.07 5.16
N DBB A 22 -2.41 3.65 5.47
CA DBB A 22 -2.58 5.09 5.35
C DBB A 22 -3.03 5.40 3.93
O DBB A 22 -2.81 6.51 3.43
CB DBB A 22 -3.62 5.60 6.37
CG DBB A 22 -2.88 6.30 7.50
H DBB A 22 -3.16 3.10 5.76
HA DBB A 22 -1.64 5.56 5.55
HB2 DBB A 22 -4.10 4.71 6.80
HG1 DBB A 22 -3.59 6.68 8.22
HG2 DBB A 22 -2.31 7.13 7.10
HG3 DBB A 22 -2.21 5.60 7.98
N CYS A 23 -3.62 4.42 3.29
CA CYS A 23 -4.07 4.55 1.91
C CYS A 23 -5.59 4.58 1.85
N GLY A 24 -6.22 3.71 2.61
CA GLY A 24 -7.67 3.69 2.70
C GLY A 24 -8.16 4.37 3.96
N CYS A 25 -7.32 5.26 4.49
CA CYS A 25 -7.65 5.97 5.70
C CYS A 25 -8.25 7.33 5.38
N HIS A 26 -9.33 7.67 6.07
CA HIS A 26 -9.97 8.96 5.89
C HIS A 26 -10.10 9.71 7.21
N PHE A 27 -9.41 9.21 8.22
CA PHE A 27 -9.37 9.87 9.51
C PHE A 27 -8.23 10.89 9.53
N DBU A 28 -8.60 12.16 9.56
CA DBU A 28 -7.64 13.14 9.48
CB DBU A 28 -7.52 13.86 8.36
CG DBU A 28 -8.43 13.57 7.20
C DBU A 28 -6.73 13.43 10.66
O DBU A 28 -5.50 13.36 10.55
H DBU A 28 -9.56 12.34 9.65
HB DBU A 28 -6.74 14.60 8.27
HG1 DBU A 28 -8.59 12.50 7.12
HG2 DBU A 28 -7.97 13.94 6.30
HG3 DBU A 28 -9.37 14.06 7.36
N GLY A 29 -7.32 13.77 11.80
CA GLY A 29 -6.54 14.08 12.97
C GLY A 29 -6.45 15.57 13.19
N LYS A 30 -6.10 15.96 14.42
CA LYS A 30 -6.02 17.37 14.78
C LYS A 30 -4.58 17.82 14.95
N LYS A 31 -3.76 16.92 15.51
CA LYS A 31 -2.35 17.19 15.79
C LYS A 31 -2.21 18.22 16.93
C 2OP A 1 -5.56 -0.80 23.10
O 2OP A 1 -4.63 0.02 23.16
CB 2OP A 1 -6.33 -2.07 21.09
OHN 2OP A 1 -6.25 0.35 21.10
CA 2OP A 1 -6.51 -0.80 21.91
HB1 2OP A 1 -7.30 -2.45 20.80
HB2 2OP A 1 -5.81 -2.81 21.67
HB3 2OP A 1 -5.75 -1.85 20.20
H 2OP A 1 -5.50 0.83 21.48
HA 2OP A 1 -7.53 -0.76 22.27
N ALA A 2 -5.79 -1.69 24.04
CA ALA A 2 -4.95 -1.82 25.22
C ALA A 2 -4.96 -3.27 25.71
N DHA A 3 -3.82 -3.94 25.57
CA DHA A 3 -3.77 -5.26 25.94
CB DHA A 3 -3.05 -5.63 27.01
C DHA A 3 -4.52 -6.31 25.14
O DHA A 3 -4.01 -6.82 24.14
H DHA A 3 -3.06 -3.45 25.20
HB1 DHA A 3 -2.52 -4.89 27.59
HB2 DHA A 3 -2.50 -6.55 26.99
N ILE A 4 -5.74 -6.61 25.56
CA ILE A 4 -6.61 -7.51 24.81
C ILE A 4 -7.15 -6.78 23.59
N VAL A 5 -6.92 -7.35 22.42
CA VAL A 5 -7.28 -6.69 21.16
C VAL A 5 -8.39 -7.43 20.43
N LYS A 6 -9.14 -6.68 19.64
CA LYS A 6 -10.17 -7.25 18.79
C LYS A 6 -9.76 -7.20 17.33
N DBU A 7 -10.14 -8.22 16.58
CA DBU A 7 -9.90 -8.21 15.23
CB DBU A 7 -10.91 -7.98 14.38
CG DBU A 7 -12.29 -7.75 14.93
C DBU A 7 -8.50 -8.45 14.67
O DBU A 7 -8.22 -9.51 14.11
H DBU A 7 -10.61 -8.95 17.04
HB DBU A 7 -10.72 -7.88 13.32
HG1 DBU A 7 -12.25 -7.76 16.01
HG2 DBU A 7 -12.95 -8.52 14.59
HG3 DBU A 7 -12.65 -6.78 14.61
N DBU A 8 -7.63 -7.47 14.86
CA DBU A 8 -6.40 -7.54 14.27
CB DBU A 8 -5.31 -7.87 15.00
CG DBU A 8 -5.48 -8.19 16.45
C DBU A 8 -6.24 -7.22 12.79
O DBU A 8 -6.35 -8.10 11.93
H DBU A 8 -7.92 -6.72 15.42
HB DBU A 8 -4.34 -7.90 14.53
HG1 DBU A 8 -4.53 -8.13 16.95
HG2 DBU A 8 -5.89 -9.18 16.56
HG3 DBU A 8 -6.16 -7.47 16.90
N ILE A 9 -5.98 -5.95 12.51
CA ILE A 9 -5.85 -5.49 11.13
C ILE A 9 -4.43 -5.73 10.64
N LYS A 10 -4.31 -6.58 9.64
CA LYS A 10 -3.02 -6.92 9.06
C LYS A 10 -2.71 -6.00 7.89
N ALA A 11 -1.55 -5.36 7.93
CA ALA A 11 -1.09 -4.52 6.84
C ALA A 11 -0.79 -5.36 5.61
N DAL A 12 -1.81 -5.59 4.80
CA DAL A 12 -1.70 -6.46 3.67
CB DAL A 12 -1.47 -5.67 2.38
C DAL A 12 -2.96 -7.32 3.57
O DAL A 12 -3.01 -8.42 4.11
H DAL A 12 -2.66 -5.14 4.98
HA DAL A 12 -0.85 -7.12 3.83
HB1 DAL A 12 -0.55 -5.12 2.47
HB2 DAL A 12 -2.29 -4.97 2.26
N LYS A 13 -3.99 -6.80 2.92
CA LYS A 13 -5.24 -7.53 2.73
C LYS A 13 -4.99 -8.83 1.97
N LYS A 14 -3.97 -8.80 1.11
CA LYS A 14 -3.59 -9.97 0.33
C LYS A 14 -2.09 -10.27 0.56
N LEU A 15 -1.42 -10.80 -0.46
CA LEU A 15 0.01 -11.13 -0.34
C LEU A 15 0.90 -9.88 -0.39
N CYS A 16 0.41 -8.78 0.16
CA CYS A 16 1.17 -7.55 0.21
C CYS A 16 2.04 -7.49 1.47
N ARG A 17 3.27 -7.01 1.30
CA ARG A 17 4.24 -6.99 2.41
C ARG A 17 4.17 -5.67 3.15
N GLY A 18 3.18 -5.52 4.01
CA GLY A 18 2.99 -4.26 4.72
C GLY A 18 2.65 -3.13 3.77
N PHE A 19 1.55 -3.29 3.06
CA PHE A 19 1.13 -2.31 2.05
C PHE A 19 -0.29 -1.88 2.33
N DBB A 20 -0.65 -0.68 1.87
CA DBB A 20 -1.95 -0.11 2.18
C DBB A 20 -1.85 0.69 3.47
O DBB A 20 -2.80 0.79 4.25
CB DBB A 20 -2.48 0.78 1.05
CG DBB A 20 -2.69 -0.06 -0.19
H DBB A 20 -0.01 -0.15 1.34
HA DBB A 20 -2.65 -0.93 2.34
HB2 DBB A 20 -1.70 1.51 0.84
HG1 DBB A 20 -3.42 -0.84 0.02
HG2 DBB A 20 -1.76 -0.53 -0.48
HG3 DBB A 20 -3.05 0.55 -1.00
N LEU A 21 -0.67 1.23 3.72
CA LEU A 21 -0.37 1.94 4.94
C LEU A 21 -1.05 3.31 4.95
N DBB A 22 -2.29 3.31 5.41
CA DBB A 22 -3.06 4.53 5.53
C DBB A 22 -3.45 5.05 4.14
O DBB A 22 -3.61 6.26 3.95
CB DBB A 22 -4.34 4.30 6.35
CG DBB A 22 -3.96 3.65 7.68
H DBB A 22 -2.69 2.46 5.69
HA DBB A 22 -2.46 5.27 6.03
HB2 DBB A 22 -4.96 3.59 5.80
HG1 DBB A 22 -4.84 3.50 8.29
HG2 DBB A 22 -3.28 4.30 8.21
HG3 DBB A 22 -3.48 2.70 7.49
N CYS A 23 -3.57 4.14 3.19
CA CYS A 23 -4.02 4.50 1.86
C CYS A 23 -5.52 4.77 1.86
N GLY A 24 -6.29 3.80 2.32
CA GLY A 24 -7.72 3.98 2.44
C GLY A 24 -8.14 4.33 3.85
N CYS A 25 -7.66 5.46 4.34
CA CYS A 25 -7.98 5.89 5.69
C CYS A 25 -7.89 7.41 5.81
N HIS A 26 -8.67 7.97 6.72
CA HIS A 26 -8.61 9.38 7.07
C HIS A 26 -9.50 9.64 8.27
N PHE A 27 -9.40 8.74 9.24
CA PHE A 27 -10.24 8.82 10.43
C PHE A 27 -9.50 8.20 11.60
N DBU A 28 -9.54 8.85 12.75
CA DBU A 28 -8.89 8.34 13.84
CB DBU A 28 -7.71 8.86 14.25
CG DBU A 28 -7.14 10.00 13.47
C DBU A 28 -9.48 7.16 14.62
O DBU A 28 -9.61 7.20 15.85
H DBU A 28 -10.06 9.69 12.77
HB DBU A 28 -7.20 8.43 15.09
HG1 DBU A 28 -7.16 10.90 14.09
HG2 DBU A 28 -7.71 10.16 12.57
HG3 DBU A 28 -6.11 9.79 13.23
N GLY A 29 -9.86 6.13 13.88
CA GLY A 29 -10.50 4.97 14.47
C GLY A 29 -11.08 4.08 13.40
N LYS A 30 -12.22 3.47 13.68
CA LYS A 30 -12.88 2.60 12.71
C LYS A 30 -14.25 3.15 12.36
N LYS A 31 -14.56 3.15 11.08
CA LYS A 31 -15.83 3.65 10.58
C LYS A 31 -16.20 2.93 9.30
C 2OP A 1 2.31 -2.75 -17.56
O 2OP A 1 2.30 -1.67 -18.16
CB 2OP A 1 4.23 -4.04 -16.57
OHN 2OP A 1 2.33 -3.37 -15.23
CA 2OP A 1 3.16 -2.97 -16.33
HB1 2OP A 1 4.92 -4.05 -15.75
HB2 2OP A 1 4.74 -3.83 -17.50
HB3 2OP A 1 3.74 -5.01 -16.64
H 2OP A 1 1.41 -3.34 -15.53
HA 2OP A 1 3.67 -2.05 -16.07
N ALA A 2 1.58 -3.78 -17.93
CA ALA A 2 0.64 -3.69 -19.05
C ALA A 2 -0.72 -3.23 -18.57
N DHA A 3 -1.44 -2.52 -19.42
CA DHA A 3 -2.66 -2.01 -19.03
CB DHA A 3 -2.79 -0.69 -18.83
C DHA A 3 -3.87 -2.92 -18.82
O DHA A 3 -4.92 -2.74 -19.46
H DHA A 3 -1.06 -2.39 -20.31
HB1 DHA A 3 -1.93 -0.04 -18.98
HB2 DHA A 3 -3.38 -0.32 -18.01
N ILE A 4 -3.73 -3.90 -17.94
CA ILE A 4 -4.85 -4.75 -17.58
C ILE A 4 -5.65 -4.11 -16.46
N VAL A 5 -6.92 -4.49 -16.35
CA VAL A 5 -7.85 -3.88 -15.40
C VAL A 5 -8.14 -2.43 -15.79
N LYS A 6 -9.38 -2.19 -16.21
CA LYS A 6 -9.80 -0.87 -16.65
C LYS A 6 -9.57 0.15 -15.53
N DBU A 7 -8.95 1.27 -15.88
CA DBU A 7 -8.60 2.19 -14.92
CB DBU A 7 -9.44 3.18 -14.57
CG DBU A 7 -10.78 3.27 -15.23
C DBU A 7 -7.23 2.07 -14.25
O DBU A 7 -6.82 2.94 -13.47
H DBU A 7 -8.76 1.39 -16.84
HB DBU A 7 -9.13 3.89 -13.82
HG1 DBU A 7 -10.72 3.94 -16.08
HG2 DBU A 7 -11.50 3.65 -14.52
HG3 DBU A 7 -11.09 2.29 -15.57
N DBU A 8 -6.52 1.00 -14.58
CA DBU A 8 -5.25 0.84 -14.10
CB DBU A 8 -4.19 1.12 -14.87
CG DBU A 8 -4.42 1.58 -16.29
C DBU A 8 -5.00 0.37 -12.66
O DBU A 8 -4.25 -0.57 -12.44
H DBU A 8 -6.96 0.34 -15.16
HB DBU A 8 -3.19 1.04 -14.48
HG1 DBU A 8 -5.37 2.10 -16.34
HG2 DBU A 8 -4.44 0.73 -16.94
HG3 DBU A 8 -3.64 2.26 -16.57
N ILE A 9 -5.65 1.03 -11.71
CA ILE A 9 -5.50 0.74 -10.31
C ILE A 9 -5.97 -0.69 -9.97
N LYS A 10 -5.05 -1.48 -9.45
CA LYS A 10 -5.33 -2.85 -9.04
C LYS A 10 -4.36 -3.26 -7.95
N ALA A 11 -4.89 -3.88 -6.90
CA ALA A 11 -4.05 -4.27 -5.77
C ALA A 11 -4.46 -5.62 -5.22
N DAL A 12 -3.49 -6.34 -4.68
CA DAL A 12 -3.75 -7.61 -4.03
CB DAL A 12 -2.92 -7.70 -2.75
C DAL A 12 -3.40 -8.78 -4.97
O DAL A 12 -4.29 -9.42 -5.53
H DAL A 12 -2.57 -6.00 -4.70
HA DAL A 12 -4.79 -7.66 -3.78
HB1 DAL A 12 -2.91 -8.72 -2.40
HB2 DAL A 12 -3.38 -7.08 -1.99
N LYS A 13 -2.11 -9.02 -5.17
CA LYS A 13 -1.67 -10.15 -5.98
C LYS A 13 -1.67 -11.43 -5.15
N LYS A 14 -0.78 -11.50 -4.17
CA LYS A 14 -0.71 -12.68 -3.31
C LYS A 14 -0.66 -12.28 -1.84
N LEU A 15 0.22 -11.36 -1.50
CA LEU A 15 0.37 -10.91 -0.12
C LEU A 15 0.25 -9.40 -0.01
N CYS A 16 0.81 -8.69 -1.00
CA CYS A 16 0.79 -7.24 -1.03
C CYS A 16 1.34 -6.65 0.27
N ARG A 17 2.40 -7.29 0.79
CA ARG A 17 3.00 -6.86 2.04
C ARG A 17 3.73 -5.53 1.87
N GLY A 18 3.07 -4.47 2.34
CA GLY A 18 3.63 -3.14 2.23
C GLY A 18 2.64 -2.18 1.62
N PHE A 19 1.70 -2.73 0.89
CA PHE A 19 0.67 -1.92 0.26
C PHE A 19 -0.56 -1.85 1.16
N DBB A 20 -0.81 -0.66 1.69
CA DBB A 20 -1.98 -0.46 2.52
C DBB A 20 -1.62 0.21 3.83
O DBB A 20 -2.10 -0.18 4.90
CB DBB A 20 -3.03 0.39 1.77
CG DBB A 20 -4.34 0.32 2.52
H DBB A 20 -0.21 0.08 1.51
HA DBB A 20 -2.43 -1.42 2.71
HB2 DBB A 20 -3.18 -0.09 0.79
HG1 DBB A 20 -4.27 0.91 3.43
HG2 DBB A 20 -4.53 -0.71 2.80
HG3 DBB A 20 -5.15 0.68 1.91
N LEU A 21 -0.75 1.20 3.77
CA LEU A 21 -0.34 1.92 4.96
C LEU A 21 -0.87 3.35 4.92
N DBB A 22 -2.11 3.51 5.35
CA DBB A 22 -2.77 4.80 5.37
C DBB A 22 -3.25 5.18 3.97
O DBB A 22 -3.28 6.35 3.61
CB DBB A 22 -3.94 4.79 6.37
CG DBB A 22 -3.37 4.87 7.78
H DBB A 22 -2.61 2.71 5.65
HA DBB A 22 -2.04 5.54 5.70
HB2 DBB A 22 -4.42 3.83 6.26
HG1 DBB A 22 -4.19 4.85 8.49
HG2 DBB A 22 -2.82 5.80 7.89
HG3 DBB A 22 -2.71 4.04 7.95
N CYS A 23 -3.60 4.17 3.20
CA CYS A 23 -4.04 4.38 1.81
C CYS A 23 -5.46 4.90 1.77
N GLY A 24 -6.40 4.08 2.21
CA GLY A 24 -7.79 4.48 2.23
C GLY A 24 -8.31 4.62 3.63
N CYS A 25 -7.59 5.37 4.44
CA CYS A 25 -7.95 5.56 5.83
C CYS A 25 -8.49 6.95 6.07
N HIS A 26 -9.48 7.06 6.96
CA HIS A 26 -10.08 8.35 7.26
C HIS A 26 -10.08 8.57 8.77
N PHE A 27 -9.14 9.37 9.23
CA PHE A 27 -9.02 9.65 10.66
C PHE A 27 -9.93 10.79 11.07
N DBU A 28 -10.78 10.55 12.05
CA DBU A 28 -11.60 11.54 12.52
CB DBU A 28 -12.89 11.57 12.16
CG DBU A 28 -13.42 10.51 11.24
C DBU A 28 -11.05 12.60 13.46
O DBU A 28 -11.21 12.52 14.68
H DBU A 28 -10.78 9.62 12.42
HB DBU A 28 -13.53 12.35 12.53
HG1 DBU A 28 -14.07 9.84 11.78
HG2 DBU A 28 -12.59 9.96 10.81
HG3 DBU A 28 -13.98 10.97 10.45
N GLY A 29 -10.39 13.60 12.89
CA GLY A 29 -9.75 14.62 13.69
C GLY A 29 -8.24 14.43 13.72
N LYS A 30 -7.52 15.30 13.04
CA LYS A 30 -6.08 15.21 12.97
C LYS A 30 -5.45 15.80 14.24
N LYS A 31 -4.99 14.92 15.11
CA LYS A 31 -4.33 15.32 16.32
C LYS A 31 -3.26 14.29 16.69
C 2OP A 1 -19.42 -6.44 -16.22
O 2OP A 1 -20.45 -5.95 -16.65
CB 2OP A 1 -19.50 -7.75 -14.09
OHN 2OP A 1 -18.16 -8.48 -15.97
CA 2OP A 1 -19.39 -7.82 -15.61
HB1 2OP A 1 -18.84 -8.49 -13.65
HB2 2OP A 1 -20.52 -7.98 -13.79
HB3 2OP A 1 -19.23 -6.77 -13.76
H 2OP A 1 -18.37 -9.36 -16.33
HA 2OP A 1 -20.22 -8.40 -15.99
N ALA A 2 -18.24 -5.80 -16.27
CA ALA A 2 -18.13 -4.44 -16.80
C ALA A 2 -17.05 -4.37 -17.87
N DHA A 3 -16.51 -5.53 -18.23
CA DHA A 3 -15.55 -5.54 -19.21
CB DHA A 3 -15.89 -5.82 -20.47
C DHA A 3 -14.10 -5.24 -18.87
O DHA A 3 -13.64 -4.10 -19.02
H DHA A 3 -16.82 -6.33 -17.77
HB1 DHA A 3 -16.93 -6.04 -20.72
HB2 DHA A 3 -15.43 -5.30 -21.29
N ILE A 4 -13.39 -6.26 -18.41
CA ILE A 4 -11.98 -6.14 -18.03
C ILE A 4 -11.84 -5.08 -16.93
N VAL A 5 -12.79 -5.08 -16.00
CA VAL A 5 -12.77 -4.12 -14.91
C VAL A 5 -11.78 -4.57 -13.83
N LYS A 6 -10.51 -4.46 -14.15
CA LYS A 6 -9.44 -4.84 -13.25
C LYS A 6 -8.79 -3.61 -12.63
N DBU A 7 -9.47 -2.47 -12.77
CA DBU A 7 -8.97 -1.31 -12.24
CB DBU A 7 -8.75 -0.25 -13.05
CG DBU A 7 -9.07 -0.38 -14.51
C DBU A 7 -8.67 -1.20 -10.77
O DBU A 7 -7.58 -0.79 -10.36
H DBU A 7 -10.33 -2.53 -13.24
HB DBU A 7 -8.36 0.66 -12.64
HG1 DBU A 7 -8.15 -0.34 -15.09
HG2 DBU A 7 -9.71 0.43 -14.81
HG3 DBU A 7 -9.55 -1.32 -14.69
N DBU A 8 -9.64 -1.59 -9.95
CA DBU A 8 -9.46 -1.52 -8.60
CB DBU A 8 -9.99 -0.51 -7.89
CG DBU A 8 -10.78 0.55 -8.61
C DBU A 8 -8.66 -2.60 -7.89
O DBU A 8 -9.03 -3.06 -6.80
H DBU A 8 -10.47 -1.92 -10.37
HB DBU A 8 -9.87 -0.48 -6.82
HG1 DBU A 8 -10.20 1.44 -8.69
HG2 DBU A 8 -11.69 0.75 -8.05
HG3 DBU A 8 -11.03 0.20 -9.60
N ILE A 9 -7.55 -3.00 -8.49
CA ILE A 9 -6.69 -4.01 -7.91
C ILE A 9 -5.82 -3.39 -6.80
N LYS A 10 -6.47 -3.08 -5.69
CA LYS A 10 -5.79 -2.59 -4.51
C LYS A 10 -5.87 -3.63 -3.42
N ALA A 11 -4.87 -4.49 -3.36
CA ALA A 11 -4.81 -5.53 -2.35
C ALA A 11 -4.19 -5.00 -1.08
N DAL A 12 -4.02 -5.86 -0.10
CA DAL A 12 -3.41 -5.47 1.15
CB DAL A 12 -2.62 -6.63 1.76
C DAL A 12 -4.48 -4.97 2.11
O DAL A 12 -4.99 -5.71 2.94
H DAL A 12 -4.34 -6.79 -0.21
HA DAL A 12 -2.73 -4.66 0.93
HB1 DAL A 12 -2.20 -7.22 0.95
HB2 DAL A 12 -3.29 -7.25 2.34
N LYS A 13 -4.85 -3.69 1.92
CA LYS A 13 -5.90 -3.03 2.70
C LYS A 13 -5.64 -3.10 4.19
N LYS A 14 -6.17 -4.14 4.82
CA LYS A 14 -6.00 -4.34 6.25
C LYS A 14 -5.65 -5.80 6.55
N LEU A 15 -5.34 -6.54 5.50
CA LEU A 15 -5.06 -7.96 5.63
C LEU A 15 -3.56 -8.20 5.74
N CYS A 16 -2.78 -7.23 5.29
CA CYS A 16 -1.34 -7.37 5.27
C CYS A 16 -0.68 -6.16 5.90
N ARG A 17 0.61 -6.27 6.17
CA ARG A 17 1.38 -5.18 6.74
C ARG A 17 2.39 -4.67 5.72
N GLY A 18 2.15 -3.48 5.19
CA GLY A 18 3.05 -2.92 4.21
C GLY A 18 2.31 -2.14 3.15
N PHE A 19 1.45 -2.80 2.41
CA PHE A 19 0.71 -2.16 1.35
C PHE A 19 -0.71 -1.89 1.79
N DBB A 20 -1.05 -0.62 1.91
CA DBB A 20 -2.37 -0.20 2.31
C DBB A 20 -2.32 0.57 3.63
O DBB A 20 -3.33 0.72 4.32
CB DBB A 20 -3.02 0.65 1.20
CG DBB A 20 -3.69 -0.30 0.19
H DBB A 20 -0.36 0.07 1.74
HA DBB A 20 -2.97 -1.10 2.45
HB2 DBB A 20 -2.22 1.15 0.69
HG1 DBB A 20 -2.94 -0.96 -0.22
HG2 DBB A 20 -4.14 0.28 -0.59
HG3 DBB A 20 -4.45 -0.88 0.70
N LEU A 21 -1.13 1.02 3.97
CA LEU A 21 -0.93 1.77 5.20
C LEU A 21 -1.05 3.26 4.93
N DBB A 22 -2.14 3.85 5.42
CA DBB A 22 -2.38 5.28 5.23
C DBB A 22 -2.87 5.56 3.81
O DBB A 22 -2.74 6.68 3.32
CB DBB A 22 -3.40 5.81 6.25
CG DBB A 22 -2.73 6.93 7.04
H DBB A 22 -2.80 3.32 5.91
HA DBB A 22 -1.44 5.79 5.39
HB2 DBB A 22 -3.60 5.00 6.95
HG1 DBB A 22 -3.42 7.31 7.78
HG2 DBB A 22 -2.45 7.72 6.37
HG3 DBB A 22 -1.85 6.55 7.53
N CYS A 23 -3.39 4.54 3.16
CA CYS A 23 -3.92 4.70 1.81
C CYS A 23 -5.42 4.97 1.86
N GLY A 24 -6.19 3.94 2.16
CA GLY A 24 -7.63 4.06 2.24
C GLY A 24 -8.08 4.30 3.66
N CYS A 25 -7.22 4.94 4.45
CA CYS A 25 -7.52 5.22 5.85
C CYS A 25 -8.51 6.38 5.96
N HIS A 26 -8.94 6.86 4.81
CA HIS A 26 -9.96 7.89 4.73
C HIS A 26 -11.30 7.26 4.38
N PHE A 27 -11.27 5.95 4.18
CA PHE A 27 -12.48 5.17 3.97
C PHE A 27 -12.72 4.33 5.21
N DBU A 28 -13.46 4.88 6.16
CA DBU A 28 -13.60 4.26 7.37
CB DBU A 28 -12.99 4.78 8.45
CG DBU A 28 -12.17 6.02 8.30
C DBU A 28 -14.43 2.99 7.54
O DBU A 28 -14.01 2.04 8.20
H DBU A 28 -13.90 5.72 5.93
HB DBU A 28 -13.12 4.32 9.42
HG1 DBU A 28 -12.77 6.88 8.57
HG2 DBU A 28 -11.84 6.11 7.27
HG3 DBU A 28 -11.31 5.98 8.95
N GLY A 29 -15.60 2.98 6.91
CA GLY A 29 -16.53 1.89 7.12
C GLY A 29 -17.02 1.88 8.55
N LYS A 30 -17.09 3.07 9.13
CA LYS A 30 -17.45 3.23 10.53
C LYS A 30 -18.92 3.54 10.70
N LYS A 31 -19.42 3.36 11.91
CA LYS A 31 -20.78 3.72 12.25
C LYS A 31 -20.75 4.90 13.20
C 2OP A 1 28.65 -7.61 -4.63
O 2OP A 1 29.39 -7.96 -5.55
CB 2OP A 1 29.82 -5.67 -3.56
OHN 2OP A 1 27.43 -6.01 -3.29
CA 2OP A 1 28.53 -6.15 -4.21
HB1 2OP A 1 29.69 -5.61 -2.50
HB2 2OP A 1 30.07 -4.69 -3.95
HB3 2OP A 1 30.62 -6.36 -3.80
H 2OP A 1 27.70 -6.35 -2.43
HA 2OP A 1 28.34 -5.55 -5.09
N ALA A 2 27.89 -8.45 -3.96
CA ALA A 2 27.93 -9.89 -4.19
C ALA A 2 26.55 -10.49 -4.01
N DHA A 3 26.50 -11.81 -3.87
CA DHA A 3 25.30 -12.41 -3.69
CB DHA A 3 24.93 -12.80 -2.46
C DHA A 3 24.37 -12.67 -4.85
O DHA A 3 23.45 -11.88 -5.13
H DHA A 3 27.35 -12.30 -3.92
HB1 DHA A 3 25.58 -12.63 -1.61
HB2 DHA A 3 24.40 -13.73 -2.32
N ILE A 4 24.59 -13.77 -5.56
CA ILE A 4 23.73 -14.14 -6.66
C ILE A 4 22.48 -14.82 -6.13
N VAL A 5 21.53 -14.00 -5.73
CA VAL A 5 20.25 -14.48 -5.24
C VAL A 5 19.12 -13.76 -5.96
N LYS A 6 18.02 -14.45 -6.20
CA LYS A 6 16.90 -13.87 -6.91
C LYS A 6 16.11 -12.95 -5.98
N DBU A 7 16.10 -11.66 -6.31
CA DBU A 7 15.41 -10.77 -5.53
CB DBU A 7 16.08 -9.88 -4.77
CG DBU A 7 17.58 -9.91 -4.78
C DBU A 7 13.89 -10.76 -5.53
O DBU A 7 13.27 -10.28 -6.49
H DBU A 7 16.61 -11.40 -7.11
HB DBU A 7 15.54 -9.21 -4.14
HG1 DBU A 7 17.96 -9.01 -5.26
HG2 DBU A 7 17.93 -10.77 -5.31
HG3 DBU A 7 17.95 -9.92 -3.76
N DBU A 8 13.31 -11.28 -4.46
CA DBU A 8 11.93 -11.32 -4.40
CB DBU A 8 11.28 -12.48 -4.63
CG DBU A 8 12.06 -13.71 -4.96
C DBU A 8 11.14 -10.07 -4.08
O DBU A 8 10.11 -10.11 -3.40
H DBU A 8 13.89 -11.62 -3.76
HB DBU A 8 10.21 -12.49 -4.62
HG1 DBU A 8 11.48 -14.35 -5.59
HG2 DBU A 8 12.31 -14.23 -4.03
HG3 DBU A 8 12.97 -13.43 -5.47
N ILE A 9 11.64 -8.94 -4.54
CA ILE A 9 11.00 -7.66 -4.33
C ILE A 9 10.17 -7.29 -5.55
N LYS A 10 8.86 -7.39 -5.41
CA LYS A 10 7.96 -7.12 -6.53
C LYS A 10 7.06 -5.93 -6.22
N ALA A 11 6.44 -5.39 -7.25
CA ALA A 11 5.50 -4.30 -7.10
C ALA A 11 4.07 -4.80 -7.22
N DAL A 12 3.28 -4.56 -6.18
CA DAL A 12 1.86 -4.93 -6.15
CB DAL A 12 1.69 -6.40 -5.78
C DAL A 12 1.14 -4.61 -7.46
O DAL A 12 0.90 -5.50 -8.28
H DAL A 12 3.67 -4.15 -5.39
HA DAL A 12 1.41 -4.33 -5.38
HB1 DAL A 12 2.32 -6.62 -4.93
HB2 DAL A 12 2.00 -7.01 -6.62
N LYS A 13 0.80 -3.33 -7.63
CA LYS A 13 0.09 -2.83 -8.80
C LYS A 13 -1.36 -3.33 -8.85
N LYS A 14 -1.54 -4.63 -9.05
CA LYS A 14 -2.88 -5.21 -9.15
C LYS A 14 -3.36 -5.76 -7.82
N LEU A 15 -4.28 -5.04 -7.19
CA LEU A 15 -5.01 -5.50 -6.01
C LEU A 15 -4.13 -5.68 -4.76
N CYS A 16 -2.84 -5.44 -4.89
CA CYS A 16 -1.94 -5.56 -3.75
C CYS A 16 -2.20 -4.43 -2.75
N ARG A 17 -2.70 -4.77 -1.59
CA ARG A 17 -2.97 -3.78 -0.55
C ARG A 17 -2.01 -3.95 0.62
N GLY A 18 -0.91 -4.66 0.36
CA GLY A 18 0.09 -4.88 1.37
C GLY A 18 0.74 -3.59 1.81
N PHE A 19 0.88 -2.66 0.87
CA PHE A 19 1.44 -1.34 1.16
C PHE A 19 0.33 -0.34 1.42
N DBB A 20 -0.79 -0.88 1.86
CA DBB A 20 -2.02 -0.12 2.15
C DBB A 20 -1.89 0.66 3.46
O DBB A 20 -2.86 0.77 4.20
CB DBB A 20 -2.41 0.84 1.01
CG DBB A 20 -2.56 0.04 -0.29
H DBB A 20 -0.79 -1.84 2.02
HA DBB A 20 -2.82 -0.84 2.26
HB2 DBB A 20 -1.58 1.52 0.88
HG1 DBB A 20 -2.87 0.69 -1.08
HG2 DBB A 20 -3.30 -0.73 -0.15
HG3 DBB A 20 -1.62 -0.41 -0.54
N LEU A 21 -0.71 1.20 3.71
CA LEU A 21 -0.47 1.94 4.94
C LEU A 21 -1.10 3.32 4.86
N DBB A 22 -2.26 3.45 5.48
CA DBB A 22 -2.98 4.71 5.54
C DBB A 22 -3.42 5.18 4.15
O DBB A 22 -3.61 6.38 3.93
CB DBB A 22 -4.22 4.60 6.45
CG DBB A 22 -3.79 4.13 7.83
H DBB A 22 -2.66 2.65 5.91
HA DBB A 22 -2.33 5.44 5.96
HB2 DBB A 22 -4.86 3.83 6.02
HG1 DBB A 22 -3.09 4.85 8.25
HG2 DBB A 22 -3.29 3.17 7.75
HG3 DBB A 22 -4.64 4.05 8.48
N CYS A 23 -3.57 4.25 3.23
CA CYS A 23 -3.94 4.58 1.87
C CYS A 23 -5.46 4.72 1.75
N GLY A 24 -6.18 3.90 2.51
CA GLY A 24 -7.62 3.95 2.46
C GLY A 24 -8.22 4.69 3.64
N CYS A 25 -7.40 5.09 4.60
CA CYS A 25 -7.88 5.72 5.82
C CYS A 25 -8.20 7.20 5.58
N HIS A 26 -9.45 7.48 5.27
CA HIS A 26 -9.88 8.86 5.06
C HIS A 26 -10.82 9.30 6.18
N PHE A 27 -10.77 8.56 7.29
CA PHE A 27 -11.62 8.81 8.45
C PHE A 27 -13.08 8.46 8.16
N DBU A 28 -13.64 7.56 8.96
CA DBU A 28 -14.94 7.19 8.77
CB DBU A 28 -15.24 6.13 8.00
CG DBU A 28 -14.14 5.36 7.35
C DBU A 28 -16.06 7.96 9.44
O DBU A 28 -16.46 9.03 8.97
H DBU A 28 -13.06 7.19 9.68
HB DBU A 28 -16.28 5.83 7.88
HG1 DBU A 28 -14.02 4.40 7.83
HG2 DBU A 28 -13.22 5.93 7.42
HG3 DBU A 28 -14.37 5.20 6.30
N GLY A 29 -16.55 7.44 10.57
CA GLY A 29 -17.67 8.04 11.24
C GLY A 29 -18.89 8.13 10.34
N LYS A 30 -19.14 7.06 9.60
CA LYS A 30 -20.19 7.05 8.60
C LYS A 30 -20.87 5.68 8.53
N LYS A 31 -22.19 5.68 8.71
CA LYS A 31 -23.00 4.51 8.50
C LYS A 31 -23.49 4.50 7.06
C 2OP A 1 24.87 13.72 -14.98
O 2OP A 1 23.82 14.24 -15.35
CB 2OP A 1 25.99 15.92 -14.57
OHN 2OP A 1 26.70 14.45 -16.36
CA 2OP A 1 26.18 14.48 -15.03
HB1 2OP A 1 25.01 16.27 -14.88
HB2 2OP A 1 26.76 16.55 -15.03
HB3 2OP A 1 26.08 15.98 -13.50
H 2OP A 1 26.28 13.72 -16.85
HA 2OP A 1 26.90 14.01 -14.37
N ALA A 2 24.95 12.46 -14.56
CA ALA A 2 23.78 11.60 -14.50
C ALA A 2 23.14 11.67 -13.12
N DHA A 3 23.84 12.26 -12.17
CA DHA A 3 23.33 12.34 -10.91
CB DHA A 3 22.66 13.44 -10.52
C DHA A 3 23.50 11.19 -9.92
O DHA A 3 23.85 11.40 -8.76
H DHA A 3 24.73 12.61 -12.42
HB1 DHA A 3 22.54 14.25 -11.21
HB2 DHA A 3 22.79 13.83 -9.52
N ILE A 4 23.26 9.98 -10.42
CA ILE A 4 23.39 8.76 -9.63
C ILE A 4 22.35 8.73 -8.51
N VAL A 5 21.18 8.19 -8.85
CA VAL A 5 20.09 8.11 -7.89
C VAL A 5 20.15 6.78 -7.16
N LYS A 6 19.93 6.81 -5.86
CA LYS A 6 19.89 5.60 -5.06
C LYS A 6 18.57 4.87 -5.30
N DBU A 7 18.64 3.60 -5.68
CA DBU A 7 17.49 2.91 -5.94
CB DBU A 7 17.02 2.02 -5.05
CG DBU A 7 17.77 1.83 -3.76
C DBU A 7 16.74 3.10 -7.26
O DBU A 7 16.28 2.15 -7.88
H DBU A 7 19.54 3.23 -5.76
HB DBU A 7 16.15 1.43 -5.28
HG1 DBU A 7 18.04 0.79 -3.65
HG2 DBU A 7 17.15 2.14 -2.93
HG3 DBU A 7 18.67 2.42 -3.78
N DBU A 8 16.64 4.36 -7.68
CA DBU A 8 15.98 4.63 -8.86
CB DBU A 8 16.67 4.92 -9.98
CG DBU A 8 18.17 4.95 -9.92
C DBU A 8 14.46 4.61 -8.91
O DBU A 8 13.81 5.65 -8.83
H DBU A 8 17.04 5.05 -7.12
HB DBU A 8 16.14 5.22 -10.86
HG1 DBU A 8 18.53 3.96 -9.66
HG2 DBU A 8 18.49 5.67 -9.18
HG3 DBU A 8 18.56 5.21 -10.89
N ILE A 9 13.91 3.42 -9.02
CA ILE A 9 12.47 3.26 -9.09
C ILE A 9 11.85 3.44 -7.71
N LYS A 10 10.66 4.04 -7.67
CA LYS A 10 9.98 4.32 -6.41
C LYS A 10 8.98 3.21 -6.10
N ALA A 11 9.29 2.02 -6.57
CA ALA A 11 8.45 0.85 -6.36
C ALA A 11 9.29 -0.41 -6.41
N DAL A 12 9.05 -1.33 -5.49
CA DAL A 12 9.81 -2.57 -5.43
CB DAL A 12 8.99 -3.65 -4.72
C DAL A 12 11.13 -2.34 -4.71
O DAL A 12 12.20 -2.69 -5.23
H DAL A 12 8.34 -1.17 -4.82
HA DAL A 12 10.01 -2.89 -6.44
HB1 DAL A 12 9.60 -4.52 -4.58
HB2 DAL A 12 8.14 -3.91 -5.33
N LYS A 13 11.04 -1.76 -3.53
CA LYS A 13 12.23 -1.43 -2.76
C LYS A 13 12.66 -2.59 -1.87
N LYS A 14 11.99 -2.76 -0.73
CA LYS A 14 12.38 -3.77 0.24
C LYS A 14 11.30 -4.83 0.41
N LEU A 15 10.15 -4.41 0.92
CA LEU A 15 9.06 -5.33 1.22
C LEU A 15 8.06 -5.38 0.08
N CYS A 16 7.52 -4.20 -0.25
CA CYS A 16 6.51 -4.04 -1.29
C CYS A 16 5.29 -4.91 -1.05
N ARG A 17 5.18 -5.46 0.15
CA ARG A 17 4.06 -6.30 0.53
C ARG A 17 3.32 -5.66 1.69
N GLY A 18 3.72 -4.43 1.98
CA GLY A 18 3.13 -3.68 3.07
C GLY A 18 2.34 -2.50 2.55
N PHE A 19 2.05 -2.53 1.26
CA PHE A 19 1.33 -1.44 0.64
C PHE A 19 -0.13 -1.50 1.05
N DBB A 20 -0.62 -0.39 1.58
CA DBB A 20 -1.96 -0.32 2.11
C DBB A 20 -1.92 0.29 3.51
O DBB A 20 -2.75 -0.02 4.36
CB DBB A 20 -2.87 0.49 1.18
CG DBB A 20 -3.71 -0.49 0.35
H DBB A 20 -0.05 0.42 1.60
HA DBB A 20 -2.34 -1.33 2.17
HB2 DBB A 20 -2.23 1.02 0.50
HG1 DBB A 20 -3.05 -1.12 -0.23
HG2 DBB A 20 -4.36 0.06 -0.31
HG3 DBB A 20 -4.30 -1.10 1.02
N LEU A 21 -0.92 1.13 3.72
CA LEU A 21 -0.71 1.77 5.01
C LEU A 21 -1.10 3.24 4.92
N DBB A 22 -2.22 3.58 5.54
CA DBB A 22 -2.73 4.94 5.51
C DBB A 22 -3.15 5.32 4.09
O DBB A 22 -3.01 6.47 3.67
CB DBB A 22 -3.94 5.11 6.47
CG DBB A 22 -3.39 5.24 7.89
H DBB A 22 -2.73 2.88 6.03
HA DBB A 22 -1.95 5.61 5.83
HB2 DBB A 22 -4.51 4.18 6.42
HG1 DBB A 22 -4.22 5.36 8.57
HG2 DBB A 22 -2.74 6.10 7.94
HG3 DBB A 22 -2.84 4.35 8.14
N CYS A 23 -3.64 4.33 3.36
CA CYS A 23 -4.00 4.51 1.97
C CYS A 23 -5.50 4.69 1.83
N GLY A 24 -6.24 3.83 2.53
CA GLY A 24 -7.69 3.90 2.48
C GLY A 24 -8.26 4.56 3.72
N CYS A 25 -7.37 5.14 4.53
CA CYS A 25 -7.78 5.81 5.74
C CYS A 25 -8.30 7.21 5.43
N HIS A 26 -9.61 7.36 5.53
CA HIS A 26 -10.22 8.66 5.34
C HIS A 26 -10.04 9.48 6.60
N PHE A 27 -10.43 8.91 7.73
CA PHE A 27 -10.21 9.55 9.01
C PHE A 27 -9.35 8.66 9.90
N DBU A 28 -8.90 7.55 9.32
CA DBU A 28 -8.13 6.67 10.05
CB DBU A 28 -8.67 5.52 10.49
CG DBU A 28 -10.11 5.22 10.20
C DBU A 28 -6.67 6.96 10.35
O DBU A 28 -5.79 6.14 10.05
H DBU A 28 -9.12 7.43 8.39
HB DBU A 28 -8.07 4.81 11.03
HG1 DBU A 28 -10.26 5.15 9.14
HG2 DBU A 28 -10.73 6.03 10.59
HG3 DBU A 28 -10.40 4.29 10.66
N GLY A 29 -6.41 8.13 10.92
CA GLY A 29 -5.06 8.50 11.26
C GLY A 29 -4.82 8.40 12.76
N LYS A 30 -4.22 7.31 13.18
CA LYS A 30 -3.96 7.09 14.59
C LYS A 30 -2.69 7.83 15.02
N LYS A 31 -2.89 9.04 15.52
CA LYS A 31 -1.79 9.88 15.94
C LYS A 31 -2.23 10.77 17.08
C 2OP A 1 2.28 13.25 -23.04
O 2OP A 1 1.08 13.52 -23.03
CB 2OP A 1 2.88 11.87 -25.03
OHN 2OP A 1 1.82 10.88 -23.10
CA 2OP A 1 2.75 11.89 -23.52
HB1 2OP A 1 3.58 11.09 -25.33
HB2 2OP A 1 3.25 12.83 -25.38
HB3 2OP A 1 1.92 11.67 -25.47
H 2OP A 1 1.14 11.31 -22.56
HA 2OP A 1 3.73 11.67 -23.09
N ALA A 2 3.23 14.08 -22.61
CA ALA A 2 2.96 15.43 -22.12
C ALA A 2 2.11 15.40 -20.84
N DHA A 3 2.80 15.35 -19.70
CA DHA A 3 2.13 15.38 -18.50
CB DHA A 3 2.31 16.43 -17.68
C DHA A 3 1.20 14.26 -18.08
O DHA A 3 1.60 13.09 -18.01
H DHA A 3 3.77 15.28 -19.78
HB1 DHA A 3 2.98 17.24 -17.97
HB2 DHA A 3 1.47 16.82 -17.13
N ILE A 4 -0.05 14.61 -17.81
CA ILE A 4 -1.02 13.66 -17.31
C ILE A 4 -1.94 13.18 -18.42
N VAL A 5 -1.86 11.89 -18.71
CA VAL A 5 -2.72 11.27 -19.71
C VAL A 5 -3.79 10.43 -19.03
N LYS A 6 -4.93 11.07 -18.76
CA LYS A 6 -6.04 10.40 -18.06
C LYS A 6 -5.57 9.79 -16.73
N DBU A 7 -5.32 10.67 -15.77
CA DBU A 7 -4.93 10.20 -14.53
CB DBU A 7 -5.81 10.14 -13.51
CG DBU A 7 -7.22 10.58 -13.74
C DBU A 7 -3.49 9.76 -14.28
O DBU A 7 -2.80 10.31 -13.43
H DBU A 7 -5.43 11.62 -15.98
HB DBU A 7 -5.48 9.78 -12.55
HG1 DBU A 7 -7.50 11.29 -13.00
HG2 DBU A 7 -7.87 9.72 -13.70
HG3 DBU A 7 -7.30 11.04 -14.72
N DBU A 8 -3.04 8.78 -15.06
CA DBU A 8 -1.82 8.22 -14.80
CB DBU A 8 -0.78 8.44 -15.61
CG DBU A 8 -0.97 9.30 -16.82
C DBU A 8 -1.64 7.35 -13.56
O DBU A 8 -1.76 6.12 -13.64
H DBU A 8 -3.63 8.49 -15.79
HB DBU A 8 0.16 7.92 -15.44
HG1 DBU A 8 -2.00 9.61 -16.90
HG2 DBU A 8 -0.68 8.74 -17.70
HG3 DBU A 8 -0.36 10.18 -16.74
N ILE A 9 -1.40 8.01 -12.43
CA ILE A 9 -1.19 7.35 -11.15
C ILE A 9 -0.20 6.19 -11.28
N LYS A 10 1.00 6.52 -11.69
CA LYS A 10 2.07 5.54 -11.78
C LYS A 10 2.90 5.57 -10.52
N ALA A 11 2.46 4.82 -9.52
CA ALA A 11 3.10 4.80 -8.22
C ALA A 11 4.45 4.10 -8.30
N DAL A 12 5.33 4.44 -7.38
CA DAL A 12 6.67 3.88 -7.35
CB DAL A 12 6.91 3.17 -6.02
C DAL A 12 7.71 4.97 -7.58
O DAL A 12 8.61 4.82 -8.40
H DAL A 12 5.08 5.10 -6.69
HA DAL A 12 6.74 3.16 -8.15
HB1 DAL A 12 6.05 2.58 -5.78
HB2 DAL A 12 7.06 3.92 -5.25
N LYS A 13 7.55 6.08 -6.85
CA LYS A 13 8.41 7.24 -7.00
C LYS A 13 9.85 6.88 -6.64
N LYS A 14 10.11 6.79 -5.36
CA LYS A 14 11.43 6.40 -4.87
C LYS A 14 11.31 5.12 -4.05
N LEU A 15 10.44 5.16 -3.05
CA LEU A 15 10.21 4.01 -2.20
C LEU A 15 8.87 3.38 -2.54
N CYS A 16 8.91 2.14 -2.98
CA CYS A 16 7.71 1.42 -3.39
C CYS A 16 7.40 0.32 -2.40
N ARG A 17 8.03 0.41 -1.23
CA ARG A 17 7.88 -0.60 -0.20
C ARG A 17 7.31 0.02 1.07
N GLY A 18 6.23 -0.57 1.55
CA GLY A 18 5.57 -0.06 2.73
C GLY A 18 4.31 0.71 2.40
N PHE A 19 3.74 0.44 1.24
CA PHE A 19 2.52 1.11 0.81
C PHE A 19 1.29 0.45 1.43
N DBB A 20 0.16 1.12 1.36
CA DBB A 20 -1.09 0.57 1.86
C DBB A 20 -1.15 0.66 3.38
O DBB A 20 -1.92 -0.04 4.02
CB DBB A 20 -2.31 1.31 1.27
CG DBB A 20 -2.10 1.48 -0.23
H DBB A 20 0.16 2.01 0.94
HA DBB A 20 -1.15 -0.47 1.58
HB2 DBB A 20 -2.33 2.30 1.73
HG1 DBB A 20 -1.21 2.07 -0.40
HG2 DBB A 20 -2.95 1.99 -0.65
HG3 DBB A 20 -1.98 0.52 -0.69
N LEU A 21 -0.32 1.53 3.95
CA LEU A 21 -0.41 1.82 5.37
C LEU A 21 -1.31 3.03 5.56
N DBB A 22 -2.60 2.80 5.48
CA DBB A 22 -3.55 3.90 5.43
C DBB A 22 -3.97 4.13 3.98
O DBB A 22 -3.90 5.25 3.48
CB DBB A 22 -4.82 3.67 6.28
CG DBB A 22 -4.64 2.42 7.14
H DBB A 22 -2.93 1.87 5.44
HA DBB A 22 -3.06 4.79 5.78
HB2 DBB A 22 -5.61 3.48 5.58
HG1 DBB A 22 -3.75 2.54 7.76
HG2 DBB A 22 -4.51 1.56 6.50
HG3 DBB A 22 -5.50 2.29 7.77
N CYS A 23 -4.40 3.06 3.30
CA CYS A 23 -4.86 3.15 1.92
C CYS A 23 -6.12 4.01 1.85
N GLY A 24 -7.11 3.63 2.67
CA GLY A 24 -8.32 4.41 2.77
C GLY A 24 -8.25 5.39 3.91
N CYS A 25 -7.04 5.67 4.36
CA CYS A 25 -6.82 6.61 5.44
C CYS A 25 -6.98 8.04 4.96
N HIS A 26 -8.23 8.47 4.92
CA HIS A 26 -8.58 9.82 4.50
C HIS A 26 -9.71 10.34 5.39
N PHE A 27 -9.92 9.65 6.51
CA PHE A 27 -11.06 9.93 7.37
C PHE A 27 -10.59 10.04 8.82
N DBU A 28 -11.01 11.11 9.48
CA DBU A 28 -10.67 11.25 10.80
CB DBU A 28 -9.87 12.25 11.19
CG DBU A 28 -9.36 13.20 10.14
C DBU A 28 -11.21 10.26 11.83
O DBU A 28 -10.45 9.51 12.45
H DBU A 28 -11.56 11.75 9.00
HB DBU A 28 -9.68 12.42 12.23
HG1 DBU A 28 -8.33 12.97 9.91
HG2 DBU A 28 -9.42 14.22 10.53
HG3 DBU A 28 -9.94 13.12 9.25
N GLY A 29 -12.52 10.27 11.99
CA GLY A 29 -13.16 9.35 12.91
C GLY A 29 -14.66 9.51 12.89
N LYS A 30 -15.38 8.45 13.23
CA LYS A 30 -16.83 8.49 13.25
C LYS A 30 -17.37 7.54 14.30
N LYS A 31 -18.20 8.07 15.19
CA LYS A 31 -18.81 7.27 16.24
C LYS A 31 -20.30 7.56 16.29
#